data_3P9A
#
_entry.id   3P9A
#
_cell.length_a   76.480
_cell.length_b   100.900
_cell.length_c   89.847
_cell.angle_alpha   90.00
_cell.angle_beta   93.73
_cell.angle_gamma   90.00
#
_symmetry.space_group_name_H-M   'P 1 21 1'
#
loop_
_entity.id
_entity.type
_entity.pdbx_description
1 polymer 'DNA-packaging protein gp3'
2 water water
#
_entity_poly.entity_id   1
_entity_poly.type   'polypeptide(L)'
_entity_poly.pdbx_seq_one_letter_code
;MAAPKGNRFWEARSSHGRNPKFESPEALWAACCEYFEWVEANPLWEMKAFSYQGEVIQEPIAKMRAMTITGLTLFIDVTL
ETWRTYRLREDLSEVVTRAEQVIYDQKFSGAAADLLNANIIARDLGLKEQSQVEDVTPDKGDRDKRRSRIKELFNRGTGR
DS
;
_entity_poly.pdbx_strand_id   A,B,C,D,E,F,G,H,I
#
# COMPACT_ATOMS: atom_id res chain seq x y z
N MET A 1 10.16 -29.09 22.21
CA MET A 1 9.87 -29.62 20.89
C MET A 1 9.10 -28.59 20.05
N ALA A 2 8.95 -27.38 20.60
CA ALA A 2 8.25 -26.30 19.93
C ALA A 2 8.95 -24.95 20.14
N ALA A 3 10.27 -25.00 20.30
CA ALA A 3 11.07 -23.81 20.51
C ALA A 3 12.27 -23.82 19.55
N PRO A 4 12.94 -22.66 19.40
CA PRO A 4 14.12 -22.55 18.52
C PRO A 4 15.21 -23.56 18.88
N LYS A 5 15.66 -24.31 17.88
CA LYS A 5 16.73 -25.30 18.07
C LYS A 5 18.09 -24.61 18.06
N GLY A 6 18.13 -23.41 17.47
CA GLY A 6 19.34 -22.61 17.43
C GLY A 6 20.39 -23.11 16.45
N ASN A 7 19.95 -23.83 15.42
CA ASN A 7 20.86 -24.23 14.35
C ASN A 7 21.21 -23.07 13.42
N ARG A 8 22.47 -22.66 13.43
CA ARG A 8 22.97 -21.59 12.57
C ARG A 8 23.06 -22.06 11.12
N PHE A 9 22.41 -21.33 10.21
CA PHE A 9 22.29 -21.85 8.84
C PHE A 9 23.65 -21.95 8.16
N TRP A 10 24.57 -21.04 8.49
CA TRP A 10 25.89 -21.08 7.88
C TRP A 10 26.73 -22.24 8.44
N GLU A 11 26.25 -22.90 9.49
CA GLU A 11 26.98 -24.07 10.02
C GLU A 11 26.38 -25.38 9.49
N ALA A 12 25.16 -25.32 8.97
CA ALA A 12 24.40 -26.53 8.64
C ALA A 12 25.03 -27.32 7.49
N ARG A 13 25.16 -28.63 7.66
CA ARG A 13 25.69 -29.47 6.60
C ARG A 13 25.04 -30.85 6.61
N SER A 14 25.00 -31.51 5.45
CA SER A 14 24.34 -32.82 5.35
C SER A 14 25.18 -33.92 6.00
N SER A 15 24.57 -35.09 6.20
CA SER A 15 25.26 -36.20 6.84
C SER A 15 26.42 -36.73 6.01
N HIS A 16 26.53 -36.26 4.76
CA HIS A 16 27.60 -36.71 3.87
C HIS A 16 28.93 -36.02 4.18
N GLY A 17 28.91 -35.05 5.08
CA GLY A 17 30.13 -34.43 5.55
C GLY A 17 30.74 -33.48 4.55
N ARG A 18 32.05 -33.30 4.64
CA ARG A 18 32.73 -32.27 3.87
C ARG A 18 33.10 -32.69 2.46
N ASN A 19 32.80 -31.83 1.49
CA ASN A 19 33.18 -32.05 0.09
C ASN A 19 32.81 -33.42 -0.44
N PRO A 20 31.54 -33.83 -0.27
CA PRO A 20 31.17 -35.16 -0.76
C PRO A 20 31.32 -35.26 -2.28
N LYS A 21 31.57 -36.47 -2.75
CA LYS A 21 31.65 -36.75 -4.18
C LYS A 21 30.48 -37.62 -4.57
N PHE A 22 29.43 -37.00 -5.07
CA PHE A 22 28.21 -37.71 -5.43
C PHE A 22 28.37 -38.42 -6.78
N GLU A 23 28.25 -39.74 -6.76
CA GLU A 23 28.50 -40.53 -7.96
C GLU A 23 27.25 -41.26 -8.42
N SER A 24 26.18 -41.14 -7.65
CA SER A 24 24.89 -41.69 -8.08
C SER A 24 23.75 -40.71 -7.85
N PRO A 25 22.71 -40.81 -8.69
CA PRO A 25 21.52 -39.98 -8.54
C PRO A 25 20.93 -40.19 -7.15
N GLU A 26 20.89 -41.43 -6.69
CA GLU A 26 20.30 -41.73 -5.39
C GLU A 26 21.00 -40.99 -4.24
N ALA A 27 22.32 -41.04 -4.21
CA ALA A 27 23.09 -40.34 -3.17
C ALA A 27 22.80 -38.85 -3.23
N LEU A 28 22.86 -38.30 -4.44
CA LEU A 28 22.66 -36.87 -4.61
C LEU A 28 21.26 -36.45 -4.15
N TRP A 29 20.25 -37.19 -4.59
CA TRP A 29 18.87 -36.85 -4.26
C TRP A 29 18.64 -36.98 -2.76
N ALA A 30 19.25 -38.00 -2.16
CA ALA A 30 19.17 -38.16 -0.70
C ALA A 30 19.74 -36.93 0.01
N ALA A 31 20.87 -36.43 -0.49
CA ALA A 31 21.48 -35.23 0.09
C ALA A 31 20.55 -34.03 -0.07
N CYS A 32 19.96 -33.88 -1.24
CA CYS A 32 19.02 -32.79 -1.49
C CYS A 32 17.85 -32.88 -0.53
N CYS A 33 17.34 -34.10 -0.33
CA CYS A 33 16.25 -34.30 0.62
C CYS A 33 16.64 -33.89 2.05
N GLU A 34 17.90 -34.14 2.45
CA GLU A 34 18.34 -33.68 3.77
C GLU A 34 18.21 -32.16 3.89
N TYR A 35 18.56 -31.46 2.83
CA TYR A 35 18.44 -30.01 2.83
C TYR A 35 16.97 -29.61 2.96
N PHE A 36 16.09 -30.26 2.20
CA PHE A 36 14.67 -29.92 2.24
C PHE A 36 14.11 -30.14 3.64
N GLU A 37 14.48 -31.25 4.27
CA GLU A 37 14.08 -31.54 5.66
C GLU A 37 14.64 -30.51 6.66
N TRP A 38 15.90 -30.13 6.48
CA TRP A 38 16.54 -29.15 7.36
C TRP A 38 15.76 -27.83 7.31
N VAL A 39 15.47 -27.37 6.10
CA VAL A 39 14.70 -26.14 5.95
C VAL A 39 13.38 -26.22 6.70
N GLU A 40 12.68 -27.34 6.56
CA GLU A 40 11.40 -27.50 7.26
C GLU A 40 11.57 -27.56 8.77
N ALA A 41 12.65 -28.18 9.23
CA ALA A 41 12.88 -28.34 10.66
C ALA A 41 13.50 -27.10 11.31
N ASN A 42 13.97 -26.16 10.51
CA ASN A 42 14.61 -24.98 11.07
C ASN A 42 14.02 -23.66 10.56
N PRO A 43 12.79 -23.37 11.00
CA PRO A 43 12.16 -22.11 10.58
C PRO A 43 12.94 -20.93 11.16
N LEU A 44 12.73 -19.74 10.60
CA LEU A 44 13.21 -18.53 11.26
C LEU A 44 12.28 -18.22 12.42
N TRP A 45 12.70 -17.35 13.32
CA TRP A 45 11.90 -17.09 14.52
C TRP A 45 11.70 -15.59 14.68
N GLU A 46 10.44 -15.20 14.86
CA GLU A 46 10.11 -13.83 15.20
C GLU A 46 9.78 -13.73 16.68
N MET A 47 10.46 -12.84 17.40
CA MET A 47 10.15 -12.65 18.81
C MET A 47 8.89 -11.81 18.92
N LYS A 48 7.94 -12.29 19.70
CA LYS A 48 6.71 -11.55 19.93
C LYS A 48 6.58 -11.35 21.43
N ALA A 49 6.05 -10.20 21.83
CA ALA A 49 5.92 -9.91 23.24
C ALA A 49 4.47 -9.98 23.69
N PHE A 50 4.28 -10.42 24.92
CA PHE A 50 2.96 -10.51 25.53
C PHE A 50 3.11 -9.99 26.95
N SER A 51 2.00 -9.71 27.62
CA SER A 51 2.07 -9.30 29.01
C SER A 51 0.86 -9.76 29.82
N TYR A 52 1.10 -10.01 31.10
CA TYR A 52 0.06 -10.43 32.02
C TYR A 52 0.45 -9.98 33.42
N GLN A 53 -0.30 -9.04 33.98
CA GLN A 53 -0.01 -8.53 35.31
C GLN A 53 1.34 -7.83 35.43
N GLY A 54 1.64 -6.94 34.49
CA GLY A 54 2.82 -6.10 34.58
C GLY A 54 4.14 -6.79 34.29
N GLU A 55 4.08 -7.97 33.68
CA GLU A 55 5.28 -8.72 33.36
C GLU A 55 5.37 -8.95 31.86
N VAL A 56 6.51 -8.62 31.27
CA VAL A 56 6.70 -8.76 29.82
C VAL A 56 7.31 -10.11 29.43
N ILE A 57 6.54 -10.88 28.66
CA ILE A 57 6.95 -12.21 28.24
C ILE A 57 7.36 -12.23 26.77
N GLN A 58 8.54 -12.79 26.48
CA GLN A 58 9.00 -12.95 25.11
C GLN A 58 8.71 -14.38 24.65
N GLU A 59 8.29 -14.53 23.40
CA GLU A 59 8.12 -15.86 22.85
C GLU A 59 8.29 -15.88 21.33
N PRO A 60 9.14 -16.79 20.84
CA PRO A 60 9.44 -16.91 19.42
C PRO A 60 8.33 -17.62 18.68
N ILE A 61 7.97 -17.10 17.51
CA ILE A 61 6.97 -17.70 16.65
C ILE A 61 7.67 -18.07 15.37
N ALA A 62 7.43 -19.29 14.90
CA ALA A 62 8.12 -19.83 13.73
C ALA A 62 7.68 -19.16 12.44
N LYS A 63 8.63 -18.82 11.58
CA LYS A 63 8.32 -18.25 10.28
C LYS A 63 8.99 -19.11 9.19
N MET A 64 8.29 -19.31 8.09
CA MET A 64 8.80 -20.18 7.02
C MET A 64 10.13 -19.71 6.42
N ARG A 65 11.06 -20.65 6.28
CA ARG A 65 12.35 -20.37 5.64
C ARG A 65 12.29 -20.73 4.16
N ALA A 66 12.59 -19.76 3.30
CA ALA A 66 12.60 -19.98 1.86
C ALA A 66 13.78 -20.85 1.45
N MET A 67 13.54 -21.79 0.55
CA MET A 67 14.63 -22.64 0.04
C MET A 67 15.34 -21.87 -1.06
N THR A 68 16.64 -22.09 -1.21
CA THR A 68 17.37 -21.46 -2.32
C THR A 68 18.36 -22.44 -2.90
N ILE A 69 18.69 -22.27 -4.18
CA ILE A 69 19.70 -23.13 -4.78
C ILE A 69 21.06 -22.96 -4.10
N THR A 70 21.43 -21.73 -3.78
CA THR A 70 22.68 -21.51 -3.06
C THR A 70 22.64 -22.18 -1.69
N GLY A 71 21.50 -22.06 -1.01
CA GLY A 71 21.30 -22.72 0.27
C GLY A 71 21.53 -24.22 0.18
N LEU A 72 20.97 -24.84 -0.85
CA LEU A 72 21.12 -26.28 -1.05
C LEU A 72 22.59 -26.68 -1.25
N THR A 73 23.26 -25.99 -2.16
CA THR A 73 24.66 -26.30 -2.46
C THR A 73 25.57 -26.08 -1.24
N LEU A 74 25.28 -25.06 -0.44
CA LEU A 74 26.02 -24.83 0.79
C LEU A 74 25.80 -25.97 1.78
N PHE A 75 24.54 -26.41 1.89
CA PHE A 75 24.18 -27.46 2.83
C PHE A 75 24.83 -28.79 2.49
N ILE A 76 24.75 -29.22 1.23
CA ILE A 76 25.38 -30.48 0.83
C ILE A 76 26.87 -30.29 0.60
N ASP A 77 27.30 -29.04 0.72
CA ASP A 77 28.71 -28.68 0.65
C ASP A 77 29.48 -28.76 -0.69
N VAL A 78 28.77 -28.53 -1.81
CA VAL A 78 29.43 -28.49 -3.11
C VAL A 78 29.35 -27.06 -3.64
N THR A 79 30.30 -26.70 -4.50
CA THR A 79 30.32 -25.35 -5.06
C THR A 79 29.28 -25.23 -6.18
N LEU A 80 28.97 -24.00 -6.56
CA LEU A 80 28.06 -23.77 -7.67
C LEU A 80 28.63 -24.39 -8.95
N GLU A 81 29.94 -24.31 -9.12
CA GLU A 81 30.61 -24.91 -10.28
C GLU A 81 30.32 -26.40 -10.34
N THR A 82 30.39 -27.06 -9.19
CA THR A 82 30.16 -28.50 -9.11
C THR A 82 28.71 -28.82 -9.43
N TRP A 83 27.80 -28.02 -8.89
CA TRP A 83 26.37 -28.19 -9.13
C TRP A 83 26.09 -28.07 -10.63
N ARG A 84 26.68 -27.08 -11.27
CA ARG A 84 26.52 -26.90 -12.70
C ARG A 84 27.14 -28.06 -13.48
N THR A 85 28.19 -28.65 -12.91
CA THR A 85 28.86 -29.77 -13.54
C THR A 85 27.97 -31.01 -13.63
N TYR A 86 27.03 -31.15 -12.70
CA TYR A 86 26.11 -32.29 -12.68
C TYR A 86 25.31 -32.44 -13.97
N ARG A 87 25.26 -31.36 -14.76
CA ARG A 87 24.48 -31.37 -15.99
C ARG A 87 25.12 -32.24 -17.07
N LEU A 88 26.35 -32.65 -16.83
CA LEU A 88 27.09 -33.45 -17.82
C LEU A 88 26.53 -34.85 -17.99
N ARG A 89 26.05 -35.44 -16.90
CA ARG A 89 25.45 -36.77 -17.00
C ARG A 89 23.93 -36.70 -16.86
N GLU A 90 23.26 -37.27 -17.84
CA GLU A 90 21.80 -37.34 -17.87
C GLU A 90 21.33 -37.85 -16.51
N ASP A 91 22.23 -38.61 -15.89
CA ASP A 91 21.93 -39.23 -14.59
C ASP A 91 21.67 -38.28 -13.44
N LEU A 92 22.63 -37.38 -13.29
CA LEU A 92 22.53 -36.40 -12.21
C LEU A 92 21.72 -35.18 -12.61
N SER A 93 21.65 -34.93 -13.91
CA SER A 93 20.92 -33.78 -14.42
C SER A 93 19.44 -33.85 -14.05
N GLU A 94 18.89 -35.06 -14.02
CA GLU A 94 17.50 -35.25 -13.64
C GLU A 94 17.28 -34.88 -12.19
N VAL A 95 18.22 -35.27 -11.34
CA VAL A 95 18.15 -34.95 -9.91
C VAL A 95 18.22 -33.44 -9.69
N VAL A 96 19.15 -32.78 -10.40
CA VAL A 96 19.28 -31.34 -10.31
C VAL A 96 17.98 -30.63 -10.73
N THR A 97 17.43 -31.03 -11.87
CA THR A 97 16.19 -30.46 -12.36
C THR A 97 15.08 -30.61 -11.34
N ARG A 98 14.92 -31.81 -10.79
CA ARG A 98 13.88 -32.04 -9.79
C ARG A 98 14.11 -31.23 -8.50
N ALA A 99 15.35 -31.18 -8.03
CA ALA A 99 15.66 -30.43 -6.84
C ALA A 99 15.33 -28.95 -7.04
N GLU A 100 15.67 -28.40 -8.20
CA GLU A 100 15.43 -26.98 -8.44
C GLU A 100 13.94 -26.69 -8.58
N GLN A 101 13.20 -27.67 -9.08
CA GLN A 101 11.76 -27.56 -9.21
C GLN A 101 11.08 -27.60 -7.84
N VAL A 102 11.61 -28.42 -6.94
CA VAL A 102 11.11 -28.48 -5.57
C VAL A 102 11.32 -27.13 -4.88
N ILE A 103 12.50 -26.56 -5.06
CA ILE A 103 12.82 -25.26 -4.47
C ILE A 103 11.90 -24.17 -5.00
N TYR A 104 11.68 -24.16 -6.32
CA TYR A 104 10.78 -23.19 -6.93
C TYR A 104 9.38 -23.32 -6.33
N ASP A 105 8.90 -24.55 -6.20
CA ASP A 105 7.54 -24.76 -5.73
C ASP A 105 7.35 -24.48 -4.26
N GLN A 106 8.37 -24.74 -3.46
CA GLN A 106 8.29 -24.44 -2.03
C GLN A 106 8.07 -22.94 -1.85
N LYS A 107 8.86 -22.15 -2.57
CA LYS A 107 8.74 -20.70 -2.47
C LYS A 107 7.41 -20.18 -3.03
N PHE A 108 7.01 -20.69 -4.19
CA PHE A 108 5.74 -20.25 -4.76
C PHE A 108 4.61 -20.55 -3.80
N SER A 109 4.56 -21.79 -3.28
CA SER A 109 3.45 -22.18 -2.40
C SER A 109 3.47 -21.39 -1.08
N GLY A 110 4.65 -21.16 -0.53
CA GLY A 110 4.79 -20.32 0.65
C GLY A 110 4.28 -18.91 0.40
N ALA A 111 4.68 -18.32 -0.72
CA ALA A 111 4.27 -16.95 -1.06
C ALA A 111 2.76 -16.87 -1.31
N ALA A 112 2.24 -17.84 -2.06
CA ALA A 112 0.81 -17.86 -2.35
C ALA A 112 0.01 -17.97 -1.07
N ALA A 113 0.55 -18.67 -0.07
CA ALA A 113 -0.15 -18.83 1.20
C ALA A 113 0.13 -17.67 2.18
N ASP A 114 0.84 -16.64 1.72
CA ASP A 114 1.19 -15.51 2.58
C ASP A 114 2.10 -15.88 3.75
N LEU A 115 2.83 -16.98 3.60
CA LEU A 115 3.81 -17.39 4.60
C LEU A 115 5.19 -16.84 4.27
N LEU A 116 5.39 -16.48 3.02
CA LEU A 116 6.60 -15.80 2.60
C LEU A 116 6.19 -14.51 1.92
N ASN A 117 7.05 -13.51 1.98
CA ASN A 117 6.75 -12.23 1.37
C ASN A 117 6.53 -12.34 -0.14
N ALA A 118 5.36 -11.92 -0.60
CA ALA A 118 4.97 -12.12 -1.98
C ALA A 118 5.90 -11.42 -2.94
N ASN A 119 6.23 -10.16 -2.68
CA ASN A 119 7.02 -9.46 -3.67
C ASN A 119 8.45 -9.95 -3.75
N ILE A 120 9.04 -10.26 -2.59
CA ILE A 120 10.37 -10.85 -2.56
C ILE A 120 10.41 -12.13 -3.38
N ILE A 121 9.45 -13.01 -3.15
CA ILE A 121 9.41 -14.27 -3.88
C ILE A 121 9.11 -14.08 -5.37
N ALA A 122 8.19 -13.17 -5.71
CA ALA A 122 7.90 -12.94 -7.14
C ALA A 122 9.15 -12.51 -7.89
N ARG A 123 9.95 -11.64 -7.29
CA ARG A 123 11.21 -11.24 -7.92
C ARG A 123 12.18 -12.40 -8.00
N ASP A 124 12.25 -13.20 -6.94
CA ASP A 124 13.16 -14.36 -6.92
C ASP A 124 12.81 -15.39 -8.00
N LEU A 125 11.52 -15.67 -8.16
CA LEU A 125 11.06 -16.67 -9.12
C LEU A 125 11.03 -16.14 -10.55
N GLY A 126 11.13 -14.82 -10.70
CA GLY A 126 11.03 -14.22 -12.02
C GLY A 126 9.61 -14.19 -12.56
N LEU A 127 8.63 -14.09 -11.67
CA LEU A 127 7.24 -13.95 -12.09
C LEU A 127 7.00 -12.52 -12.63
N LYS A 128 6.55 -12.41 -13.87
CA LYS A 128 6.47 -11.09 -14.53
C LYS A 128 5.11 -10.43 -14.36
N GLU A 129 5.13 -9.11 -14.36
CA GLU A 129 3.90 -8.34 -14.50
C GLU A 129 3.66 -8.05 -15.96
N GLN A 130 2.46 -8.36 -16.44
CA GLN A 130 2.13 -8.17 -17.84
C GLN A 130 1.09 -7.06 -17.97
N SER A 131 1.28 -6.17 -18.92
CA SER A 131 0.35 -5.06 -19.09
C SER A 131 0.05 -4.79 -20.55
N GLN A 132 -1.11 -4.19 -20.78
CA GLN A 132 -1.55 -3.78 -22.09
C GLN A 132 -1.92 -2.30 -22.03
N VAL A 133 -1.28 -1.51 -22.89
CA VAL A 133 -1.45 -0.06 -22.84
C VAL A 133 -1.97 0.46 -24.16
N GLU A 134 -3.09 1.19 -24.13
CA GLU A 134 -3.63 1.79 -25.34
C GLU A 134 -3.40 3.29 -25.31
N ASP A 135 -2.82 3.81 -26.39
CA ASP A 135 -2.68 5.25 -26.54
C ASP A 135 -3.98 5.79 -27.13
N VAL A 136 -4.68 6.61 -26.33
CA VAL A 136 -6.00 7.11 -26.73
C VAL A 136 -5.96 8.60 -27.05
N THR A 137 -4.76 9.12 -27.29
CA THR A 137 -4.61 10.52 -27.68
C THR A 137 -5.36 10.76 -28.99
N PRO A 138 -6.27 11.74 -28.99
CA PRO A 138 -6.97 12.02 -30.25
C PRO A 138 -5.96 12.23 -31.38
N ASP A 139 -5.92 11.29 -32.33
CA ASP A 139 -4.94 11.32 -33.42
C ASP A 139 -5.62 11.31 -34.78
N ARG B 8 25.74 -0.37 20.71
CA ARG B 8 26.91 0.21 20.06
C ARG B 8 27.55 -0.76 19.08
N PHE B 9 26.94 -0.90 17.91
CA PHE B 9 27.44 -1.83 16.89
C PHE B 9 28.81 -1.42 16.35
N TRP B 10 29.08 -0.12 16.36
CA TRP B 10 30.33 0.41 15.82
C TRP B 10 31.54 0.11 16.71
N GLU B 11 31.29 -0.51 17.87
CA GLU B 11 32.35 -0.80 18.85
C GLU B 11 32.74 -2.26 18.77
N ALA B 12 31.84 -3.08 18.23
CA ALA B 12 32.04 -4.53 18.17
C ALA B 12 33.20 -4.91 17.27
N ARG B 13 34.08 -5.76 17.79
CA ARG B 13 35.23 -6.22 17.03
C ARG B 13 35.49 -7.68 17.34
N SER B 14 35.99 -8.41 16.34
CA SER B 14 36.30 -9.83 16.50
C SER B 14 37.42 -10.07 17.51
N SER B 15 37.65 -11.33 17.82
CA SER B 15 38.71 -11.70 18.76
C SER B 15 40.08 -11.64 18.10
N HIS B 16 40.12 -11.26 16.83
CA HIS B 16 41.38 -11.19 16.11
C HIS B 16 42.08 -9.85 16.34
N GLY B 17 41.42 -8.97 17.09
CA GLY B 17 42.02 -7.73 17.51
C GLY B 17 42.09 -6.68 16.43
N ARG B 18 42.99 -5.72 16.61
CA ARG B 18 43.09 -4.57 15.73
C ARG B 18 43.93 -4.87 14.49
N ASN B 19 43.47 -4.42 13.34
CA ASN B 19 44.22 -4.50 12.10
C ASN B 19 44.81 -5.90 11.85
N PRO B 20 43.96 -6.93 11.90
CA PRO B 20 44.48 -8.30 11.81
C PRO B 20 45.02 -8.61 10.42
N LYS B 21 46.02 -9.47 10.36
CA LYS B 21 46.50 -9.98 9.09
C LYS B 21 46.02 -11.42 8.96
N PHE B 22 45.29 -11.72 7.89
CA PHE B 22 44.81 -13.09 7.66
C PHE B 22 45.65 -13.81 6.62
N GLU B 23 46.42 -14.80 7.08
CA GLU B 23 47.25 -15.60 6.19
C GLU B 23 46.78 -17.05 6.20
N SER B 24 45.48 -17.20 6.36
CA SER B 24 44.89 -18.52 6.41
C SER B 24 43.38 -18.45 6.17
N PRO B 25 42.81 -19.40 5.41
CA PRO B 25 41.36 -19.44 5.24
C PRO B 25 40.67 -19.72 6.56
N GLU B 26 41.11 -20.75 7.27
CA GLU B 26 40.46 -21.12 8.53
C GLU B 26 40.31 -19.92 9.46
N ALA B 27 41.36 -19.11 9.55
CA ALA B 27 41.36 -17.93 10.43
C ALA B 27 40.38 -16.86 9.96
N LEU B 28 40.42 -16.54 8.67
CA LEU B 28 39.48 -15.57 8.10
C LEU B 28 38.04 -16.03 8.29
N TRP B 29 37.77 -17.28 7.92
CA TRP B 29 36.40 -17.78 8.01
C TRP B 29 35.89 -17.74 9.46
N ALA B 30 36.78 -18.06 10.40
CA ALA B 30 36.41 -18.06 11.81
C ALA B 30 36.06 -16.65 12.29
N ALA B 31 36.77 -15.66 11.78
CA ALA B 31 36.51 -14.27 12.14
C ALA B 31 35.16 -13.86 11.58
N CYS B 32 34.88 -14.32 10.36
CA CYS B 32 33.59 -14.01 9.74
C CYS B 32 32.46 -14.63 10.56
N CYS B 33 32.70 -15.85 11.01
CA CYS B 33 31.71 -16.58 11.81
C CYS B 33 31.46 -15.87 13.12
N GLU B 34 32.50 -15.25 13.68
CA GLU B 34 32.33 -14.40 14.86
C GLU B 34 31.36 -13.26 14.55
N TYR B 35 31.46 -12.71 13.34
CA TYR B 35 30.54 -11.64 12.95
C TYR B 35 29.10 -12.14 12.83
N PHE B 36 28.92 -13.28 12.17
CA PHE B 36 27.58 -13.85 12.02
C PHE B 36 26.99 -14.11 13.40
N GLU B 37 27.83 -14.62 14.29
CA GLU B 37 27.42 -14.89 15.66
C GLU B 37 27.01 -13.61 16.38
N TRP B 38 27.79 -12.55 16.19
CA TRP B 38 27.50 -11.29 16.86
C TRP B 38 26.18 -10.72 16.37
N VAL B 39 25.94 -10.80 15.06
CA VAL B 39 24.69 -10.30 14.50
C VAL B 39 23.51 -11.06 15.09
N GLU B 40 23.61 -12.39 15.11
CA GLU B 40 22.56 -13.20 15.72
C GLU B 40 22.33 -12.85 17.18
N ALA B 41 23.42 -12.55 17.90
CA ALA B 41 23.34 -12.29 19.33
C ALA B 41 22.93 -10.85 19.65
N ASN B 42 22.95 -9.98 18.66
CA ASN B 42 22.72 -8.57 18.89
C ASN B 42 21.64 -7.98 17.99
N PRO B 43 20.40 -8.39 18.22
CA PRO B 43 19.30 -7.82 17.43
C PRO B 43 19.15 -6.33 17.72
N LEU B 44 18.49 -5.63 16.82
CA LEU B 44 18.06 -4.27 17.09
C LEU B 44 16.87 -4.36 18.01
N TRP B 45 16.59 -3.27 18.72
CA TRP B 45 15.52 -3.25 19.70
C TRP B 45 14.45 -2.19 19.40
N GLU B 46 13.20 -2.65 19.35
CA GLU B 46 12.05 -1.77 19.17
C GLU B 46 11.36 -1.61 20.52
N MET B 47 11.28 -0.37 21.02
CA MET B 47 10.61 -0.13 22.28
C MET B 47 9.10 -0.23 22.09
N LYS B 48 8.47 -1.13 22.82
CA LYS B 48 7.02 -1.23 22.82
C LYS B 48 6.47 -0.82 24.18
N ALA B 49 5.34 -0.14 24.20
CA ALA B 49 4.72 0.27 25.46
C ALA B 49 3.60 -0.68 25.84
N PHE B 50 3.53 -1.00 27.13
CA PHE B 50 2.45 -1.84 27.65
C PHE B 50 1.92 -1.15 28.89
N SER B 51 0.73 -1.52 29.32
CA SER B 51 0.17 -0.92 30.53
C SER B 51 -0.80 -1.85 31.25
N TYR B 52 -0.69 -1.89 32.56
CA TYR B 52 -1.59 -2.69 33.38
C TYR B 52 -2.11 -1.87 34.54
N GLN B 53 -3.36 -1.44 34.44
CA GLN B 53 -4.03 -0.75 35.53
C GLN B 53 -3.32 0.54 35.97
N GLY B 54 -3.13 1.46 35.02
CA GLY B 54 -2.63 2.78 35.31
C GLY B 54 -1.11 2.94 35.28
N GLU B 55 -0.40 1.85 35.04
CA GLU B 55 1.06 1.90 35.00
C GLU B 55 1.59 1.55 33.62
N VAL B 56 2.45 2.40 33.07
CA VAL B 56 3.02 2.15 31.76
C VAL B 56 4.37 1.47 31.88
N ILE B 57 4.57 0.40 31.11
CA ILE B 57 5.81 -0.36 31.12
C ILE B 57 6.37 -0.47 29.72
N GLN B 58 7.59 0.02 29.51
CA GLN B 58 8.18 0.07 28.17
C GLN B 58 9.28 -0.99 28.01
N GLU B 59 8.97 -2.07 27.31
CA GLU B 59 9.90 -3.19 27.14
C GLU B 59 10.38 -3.37 25.70
N PRO B 60 11.68 -3.65 25.53
CA PRO B 60 12.29 -3.83 24.21
C PRO B 60 11.92 -5.14 23.53
N ILE B 61 11.69 -5.06 22.23
CA ILE B 61 11.34 -6.20 21.40
C ILE B 61 12.42 -6.42 20.33
N ALA B 62 12.93 -7.65 20.23
CA ALA B 62 14.02 -7.92 19.30
C ALA B 62 13.60 -7.91 17.84
N LYS B 63 14.38 -7.21 17.01
CA LYS B 63 14.19 -7.20 15.56
C LYS B 63 15.48 -7.68 14.91
N MET B 64 15.34 -8.50 13.87
CA MET B 64 16.49 -9.04 13.16
C MET B 64 17.41 -7.95 12.62
N ARG B 65 18.72 -8.10 12.85
CA ARG B 65 19.74 -7.19 12.29
C ARG B 65 20.28 -7.71 10.96
N ALA B 66 20.10 -6.92 9.91
CA ALA B 66 20.52 -7.31 8.58
C ALA B 66 22.03 -7.37 8.52
N MET B 67 22.58 -8.44 7.94
CA MET B 67 24.03 -8.52 7.76
C MET B 67 24.46 -7.63 6.59
N THR B 68 25.65 -7.05 6.69
CA THR B 68 26.18 -6.28 5.58
C THR B 68 27.67 -6.50 5.49
N ILE B 69 28.24 -6.31 4.31
CA ILE B 69 29.68 -6.46 4.14
C ILE B 69 30.44 -5.38 4.91
N THR B 70 29.93 -4.16 4.91
CA THR B 70 30.58 -3.10 5.68
C THR B 70 30.50 -3.38 7.17
N GLY B 71 29.43 -4.04 7.60
CA GLY B 71 29.28 -4.47 8.98
C GLY B 71 30.30 -5.53 9.33
N LEU B 72 30.48 -6.50 8.45
CA LEU B 72 31.46 -7.56 8.67
C LEU B 72 32.86 -6.96 8.78
N THR B 73 33.23 -6.12 7.82
CA THR B 73 34.60 -5.65 7.72
C THR B 73 34.95 -4.74 8.90
N LEU B 74 34.03 -3.86 9.25
CA LEU B 74 34.16 -3.04 10.47
C LEU B 74 34.35 -3.95 11.70
N PHE B 75 33.63 -5.07 11.73
CA PHE B 75 33.71 -5.98 12.88
C PHE B 75 35.07 -6.68 12.97
N ILE B 76 35.58 -7.20 11.85
CA ILE B 76 36.88 -7.84 11.88
C ILE B 76 38.02 -6.81 11.76
N ASP B 77 37.64 -5.54 11.70
CA ASP B 77 38.58 -4.42 11.73
C ASP B 77 39.47 -4.31 10.48
N VAL B 78 38.86 -4.45 9.31
CA VAL B 78 39.56 -4.21 8.06
C VAL B 78 38.73 -3.26 7.18
N THR B 79 39.38 -2.61 6.22
CA THR B 79 38.68 -1.77 5.27
C THR B 79 38.03 -2.59 4.16
N LEU B 80 37.09 -1.99 3.44
CA LEU B 80 36.53 -2.66 2.27
C LEU B 80 37.64 -2.98 1.30
N GLU B 81 38.58 -2.05 1.17
CA GLU B 81 39.72 -2.24 0.26
C GLU B 81 40.53 -3.47 0.63
N THR B 82 40.79 -3.65 1.93
CA THR B 82 41.52 -4.82 2.37
C THR B 82 40.69 -6.07 2.10
N TRP B 83 39.40 -6.01 2.42
CA TRP B 83 38.49 -7.11 2.15
C TRP B 83 38.54 -7.50 0.68
N ARG B 84 38.57 -6.50 -0.19
CA ARG B 84 38.64 -6.76 -1.62
C ARG B 84 39.99 -7.32 -2.04
N THR B 85 41.02 -7.01 -1.26
CA THR B 85 42.33 -7.62 -1.46
C THR B 85 42.29 -9.13 -1.24
N TYR B 86 41.46 -9.59 -0.31
CA TYR B 86 41.36 -11.03 -0.04
C TYR B 86 40.89 -11.81 -1.26
N ARG B 87 40.08 -11.15 -2.10
CA ARG B 87 39.62 -11.73 -3.35
C ARG B 87 40.78 -12.23 -4.21
N LEU B 88 41.96 -11.66 -3.99
CA LEU B 88 43.12 -11.98 -4.82
C LEU B 88 43.51 -13.46 -4.76
N ARG B 89 43.97 -13.93 -3.60
CA ARG B 89 44.40 -15.31 -3.46
C ARG B 89 43.21 -16.26 -3.39
N GLU B 90 43.23 -17.30 -4.21
CA GLU B 90 42.12 -18.25 -4.28
C GLU B 90 41.85 -18.84 -2.90
N ASP B 91 42.92 -19.03 -2.14
CA ASP B 91 42.83 -19.55 -0.79
C ASP B 91 41.80 -18.76 0.01
N LEU B 92 41.96 -17.44 -0.02
CA LEU B 92 41.08 -16.53 0.71
C LEU B 92 39.82 -16.18 -0.08
N SER B 93 39.94 -16.12 -1.40
CA SER B 93 38.82 -15.71 -2.25
C SER B 93 37.61 -16.60 -2.03
N GLU B 94 37.86 -17.88 -1.77
CA GLU B 94 36.80 -18.83 -1.49
C GLU B 94 36.07 -18.46 -0.20
N VAL B 95 36.84 -18.09 0.81
CA VAL B 95 36.26 -17.65 2.07
C VAL B 95 35.40 -16.40 1.87
N VAL B 96 35.93 -15.44 1.12
CA VAL B 96 35.20 -14.21 0.83
C VAL B 96 33.85 -14.53 0.18
N THR B 97 33.88 -15.39 -0.85
CA THR B 97 32.67 -15.76 -1.55
C THR B 97 31.65 -16.35 -0.60
N ARG B 98 32.10 -17.26 0.26
CA ARG B 98 31.19 -17.92 1.18
C ARG B 98 30.59 -16.94 2.17
N ALA B 99 31.43 -16.05 2.71
CA ALA B 99 30.92 -15.05 3.65
C ALA B 99 29.86 -14.15 3.00
N GLU B 100 30.14 -13.70 1.78
CA GLU B 100 29.18 -12.86 1.07
C GLU B 100 27.89 -13.59 0.69
N GLN B 101 28.00 -14.88 0.37
CA GLN B 101 26.79 -15.67 0.16
C GLN B 101 25.96 -15.82 1.44
N VAL B 102 26.64 -16.01 2.57
CA VAL B 102 25.94 -16.09 3.86
C VAL B 102 25.18 -14.77 4.13
N ILE B 103 25.85 -13.65 3.88
CA ILE B 103 25.26 -12.34 4.10
C ILE B 103 24.03 -12.18 3.22
N TYR B 104 24.16 -12.57 1.95
CA TYR B 104 23.06 -12.50 0.99
C TYR B 104 21.88 -13.34 1.47
N ASP B 105 22.16 -14.60 1.81
CA ASP B 105 21.10 -15.52 2.18
C ASP B 105 20.44 -15.12 3.50
N GLN B 106 21.21 -14.59 4.44
CA GLN B 106 20.59 -14.12 5.68
C GLN B 106 19.50 -13.08 5.37
N LYS B 107 19.85 -12.09 4.55
CA LYS B 107 18.92 -11.02 4.22
C LYS B 107 17.75 -11.51 3.38
N PHE B 108 18.04 -12.38 2.42
CA PHE B 108 16.97 -12.95 1.60
C PHE B 108 15.96 -13.73 2.46
N SER B 109 16.46 -14.64 3.30
CA SER B 109 15.58 -15.42 4.16
C SER B 109 14.83 -14.54 5.17
N GLY B 110 15.51 -13.54 5.73
CA GLY B 110 14.85 -12.59 6.62
C GLY B 110 13.72 -11.83 5.95
N ALA B 111 13.97 -11.31 4.75
CA ALA B 111 12.94 -10.58 4.01
C ALA B 111 11.77 -11.49 3.62
N ALA B 112 12.08 -12.68 3.13
CA ALA B 112 11.06 -13.63 2.72
C ALA B 112 10.18 -14.00 3.90
N ALA B 113 10.76 -14.05 5.10
CA ALA B 113 9.98 -14.36 6.30
C ALA B 113 9.36 -13.12 6.94
N ASP B 114 9.40 -12.00 6.23
CA ASP B 114 8.88 -10.72 6.74
C ASP B 114 9.46 -10.32 8.08
N LEU B 115 10.71 -10.71 8.34
CA LEU B 115 11.43 -10.27 9.52
C LEU B 115 12.28 -9.04 9.20
N LEU B 116 12.52 -8.82 7.92
CA LEU B 116 13.21 -7.65 7.40
C LEU B 116 12.33 -7.00 6.32
N ASN B 117 12.37 -5.68 6.24
CA ASN B 117 11.58 -4.93 5.27
C ASN B 117 11.89 -5.39 3.86
N ALA B 118 10.86 -5.84 3.15
CA ALA B 118 11.04 -6.53 1.88
C ALA B 118 11.62 -5.61 0.83
N ASN B 119 11.14 -4.39 0.73
CA ASN B 119 11.63 -3.61 -0.38
C ASN B 119 13.06 -3.14 -0.20
N ILE B 120 13.42 -2.76 1.02
CA ILE B 120 14.78 -2.34 1.32
C ILE B 120 15.74 -3.49 1.01
N ILE B 121 15.38 -4.70 1.41
CA ILE B 121 16.21 -5.85 1.11
C ILE B 121 16.26 -6.16 -0.39
N ALA B 122 15.11 -6.12 -1.05
CA ALA B 122 15.08 -6.35 -2.50
C ALA B 122 16.03 -5.39 -3.21
N ARG B 123 16.00 -4.11 -2.84
CA ARG B 123 16.92 -3.13 -3.41
C ARG B 123 18.37 -3.48 -3.06
N ASP B 124 18.63 -3.82 -1.80
CA ASP B 124 20.00 -4.15 -1.38
C ASP B 124 20.55 -5.38 -2.12
N LEU B 125 19.71 -6.40 -2.29
CA LEU B 125 20.14 -7.62 -2.99
C LEU B 125 20.19 -7.49 -4.50
N GLY B 126 19.51 -6.48 -5.05
CA GLY B 126 19.50 -6.30 -6.48
C GLY B 126 18.48 -7.24 -7.16
N LEU B 127 17.42 -7.59 -6.43
CA LEU B 127 16.35 -8.42 -7.00
C LEU B 127 15.55 -7.55 -7.96
N LYS B 128 15.41 -7.99 -9.21
CA LYS B 128 14.80 -7.13 -10.22
C LYS B 128 13.33 -7.40 -10.41
N GLU B 129 12.59 -6.38 -10.81
CA GLU B 129 11.21 -6.57 -11.26
C GLU B 129 11.24 -6.77 -12.77
N GLN B 130 10.58 -7.82 -13.25
CA GLN B 130 10.53 -8.07 -14.68
C GLN B 130 9.11 -7.85 -15.18
N SER B 131 8.99 -7.19 -16.33
CA SER B 131 7.67 -6.89 -16.86
C SER B 131 7.65 -7.05 -18.38
N GLN B 132 6.43 -7.21 -18.90
CA GLN B 132 6.20 -7.32 -20.33
C GLN B 132 5.07 -6.37 -20.66
N VAL B 133 5.30 -5.51 -21.63
CA VAL B 133 4.34 -4.45 -21.94
C VAL B 133 3.91 -4.57 -23.39
N GLU B 134 2.60 -4.70 -23.60
CA GLU B 134 2.04 -4.74 -24.95
C GLU B 134 1.35 -3.43 -25.30
N ASP B 135 1.75 -2.83 -26.43
CA ASP B 135 1.04 -1.67 -26.96
C ASP B 135 -0.18 -2.14 -27.76
N VAL B 136 -1.39 -1.88 -27.27
CA VAL B 136 -2.60 -2.36 -27.93
C VAL B 136 -3.33 -1.25 -28.67
N THR B 137 -2.60 -0.20 -29.03
CA THR B 137 -3.18 0.88 -29.80
C THR B 137 -3.53 0.41 -31.21
N PRO B 138 -4.80 0.58 -31.62
CA PRO B 138 -5.20 0.16 -32.97
C PRO B 138 -4.46 1.02 -34.00
N ASP B 139 -4.02 0.43 -35.11
CA ASP B 139 -3.30 1.22 -36.12
C ASP B 139 -4.20 1.62 -37.27
N ASN C 7 13.86 17.54 22.04
CA ASN C 7 14.56 17.27 20.78
C ASN C 7 15.45 18.44 20.39
N ARG C 8 16.17 19.04 21.37
CA ARG C 8 17.01 20.22 21.16
C ARG C 8 18.32 19.78 20.53
N PHE C 9 18.21 19.17 19.35
CA PHE C 9 19.37 18.57 18.70
C PHE C 9 20.37 19.57 18.14
N TRP C 10 19.89 20.75 17.73
CA TRP C 10 20.74 21.76 17.13
C TRP C 10 21.74 22.34 18.13
N GLU C 11 21.59 22.01 19.40
CA GLU C 11 22.50 22.49 20.43
C GLU C 11 23.58 21.46 20.75
N ALA C 12 23.35 20.22 20.35
CA ALA C 12 24.27 19.14 20.71
C ALA C 12 25.65 19.34 20.08
N ARG C 13 26.68 19.10 20.87
CA ARG C 13 28.05 19.27 20.40
C ARG C 13 28.99 18.31 21.08
N SER C 14 30.06 17.94 20.38
CA SER C 14 31.01 16.99 20.93
C SER C 14 31.92 17.68 21.95
N SER C 15 32.63 16.87 22.73
CA SER C 15 33.53 17.40 23.74
C SER C 15 34.66 18.19 23.13
N HIS C 16 34.84 18.07 21.82
CA HIS C 16 35.91 18.81 21.15
C HIS C 16 35.56 20.30 20.96
N GLY C 17 34.34 20.68 21.30
CA GLY C 17 33.96 22.09 21.35
C GLY C 17 33.79 22.73 19.99
N ARG C 18 34.02 24.03 19.93
CA ARG C 18 33.73 24.82 18.72
C ARG C 18 34.88 24.83 17.73
N ASN C 19 34.55 24.65 16.45
CA ASN C 19 35.54 24.84 15.40
C ASN C 19 36.84 24.08 15.70
N PRO C 20 36.72 22.79 16.01
CA PRO C 20 37.91 22.01 16.35
C PRO C 20 38.84 21.82 15.14
N LYS C 21 40.13 21.78 15.40
CA LYS C 21 41.10 21.50 14.35
C LYS C 21 41.63 20.09 14.55
N PHE C 22 41.06 19.13 13.82
CA PHE C 22 41.46 17.74 13.96
C PHE C 22 42.75 17.48 13.21
N GLU C 23 43.72 16.90 13.92
CA GLU C 23 45.03 16.63 13.33
C GLU C 23 45.38 15.15 13.47
N SER C 24 44.60 14.46 14.29
CA SER C 24 44.86 13.07 14.66
C SER C 24 43.67 12.20 14.23
N PRO C 25 43.94 11.08 13.55
CA PRO C 25 42.82 10.20 13.19
C PRO C 25 42.14 9.59 14.42
N GLU C 26 42.88 9.27 15.47
CA GLU C 26 42.20 8.76 16.67
C GLU C 26 41.28 9.81 17.29
N ALA C 27 41.70 11.08 17.25
CA ALA C 27 40.87 12.17 17.77
C ALA C 27 39.61 12.38 16.93
N LEU C 28 39.77 12.38 15.60
CA LEU C 28 38.60 12.46 14.72
C LEU C 28 37.64 11.30 14.90
N TRP C 29 38.18 10.08 14.97
CA TRP C 29 37.30 8.93 15.16
C TRP C 29 36.61 9.00 16.51
N ALA C 30 37.32 9.43 17.55
CA ALA C 30 36.71 9.56 18.86
C ALA C 30 35.57 10.56 18.82
N ALA C 31 35.77 11.65 18.09
CA ALA C 31 34.71 12.65 17.93
C ALA C 31 33.50 12.05 17.23
N CYS C 32 33.71 11.28 16.17
CA CYS C 32 32.61 10.61 15.47
C CYS C 32 31.87 9.66 16.41
N CYS C 33 32.61 8.92 17.21
CA CYS C 33 32.01 8.01 18.17
C CYS C 33 31.17 8.75 19.19
N GLU C 34 31.58 9.98 19.56
CA GLU C 34 30.75 10.79 20.44
C GLU C 34 29.39 11.08 19.78
N TYR C 35 29.42 11.35 18.48
CA TYR C 35 28.17 11.59 17.77
C TYR C 35 27.30 10.33 17.75
N PHE C 36 27.90 9.18 17.49
CA PHE C 36 27.12 7.92 17.45
C PHE C 36 26.49 7.68 18.82
N GLU C 37 27.28 7.87 19.88
CA GLU C 37 26.78 7.71 21.25
C GLU C 37 25.64 8.68 21.55
N TRP C 38 25.81 9.92 21.13
CA TRP C 38 24.75 10.92 21.29
C TRP C 38 23.46 10.47 20.59
N VAL C 39 23.57 10.00 19.35
CA VAL C 39 22.41 9.53 18.63
C VAL C 39 21.69 8.41 19.40
N GLU C 40 22.45 7.42 19.87
CA GLU C 40 21.86 6.30 20.59
C GLU C 40 21.17 6.72 21.87
N ALA C 41 21.77 7.68 22.58
CA ALA C 41 21.25 8.18 23.85
C ALA C 41 20.11 9.19 23.67
N ASN C 42 19.88 9.66 22.45
CA ASN C 42 18.85 10.67 22.19
C ASN C 42 17.82 10.26 21.14
N PRO C 43 17.00 9.25 21.48
CA PRO C 43 15.96 8.86 20.54
C PRO C 43 14.97 9.99 20.33
N LEU C 44 14.23 9.95 19.23
CA LEU C 44 13.09 10.85 19.08
C LEU C 44 11.96 10.23 19.91
N TRP C 45 10.94 11.02 20.21
CA TRP C 45 9.88 10.55 21.10
C TRP C 45 8.51 10.62 20.45
N GLU C 46 7.78 9.50 20.50
CA GLU C 46 6.40 9.48 20.05
C GLU C 46 5.48 9.47 21.27
N MET C 47 4.58 10.44 21.37
CA MET C 47 3.64 10.45 22.48
C MET C 47 2.56 9.43 22.19
N LYS C 48 2.31 8.56 23.15
CA LYS C 48 1.30 7.52 23.02
C LYS C 48 0.37 7.62 24.22
N ALA C 49 -0.92 7.38 24.00
CA ALA C 49 -1.90 7.47 25.08
C ALA C 49 -2.57 6.14 25.39
N PHE C 50 -2.81 5.90 26.68
CA PHE C 50 -3.47 4.70 27.13
C PHE C 50 -4.53 5.11 28.14
N SER C 51 -5.57 4.29 28.28
CA SER C 51 -6.63 4.63 29.23
C SER C 51 -6.82 3.54 30.24
N TYR C 52 -7.25 3.92 31.43
CA TYR C 52 -7.66 2.95 32.44
C TYR C 52 -8.55 3.59 33.50
N GLN C 53 -9.64 2.91 33.86
CA GLN C 53 -10.56 3.41 34.86
C GLN C 53 -10.85 4.91 34.74
N GLY C 54 -11.07 5.36 33.52
CA GLY C 54 -11.60 6.69 33.28
C GLY C 54 -10.57 7.81 33.14
N GLU C 55 -9.30 7.46 33.24
CA GLU C 55 -8.24 8.45 33.09
C GLU C 55 -7.33 8.09 31.92
N VAL C 56 -6.75 9.10 31.29
CA VAL C 56 -5.85 8.88 30.17
C VAL C 56 -4.42 9.19 30.58
N ILE C 57 -3.53 8.27 30.29
CA ILE C 57 -2.12 8.40 30.63
C ILE C 57 -1.30 8.51 29.35
N GLN C 58 -0.38 9.46 29.32
CA GLN C 58 0.49 9.61 28.16
C GLN C 58 1.90 9.20 28.53
N GLU C 59 2.57 8.54 27.60
CA GLU C 59 3.96 8.13 27.79
C GLU C 59 4.72 8.34 26.50
N PRO C 60 5.89 8.96 26.59
CA PRO C 60 6.76 9.07 25.41
C PRO C 60 7.42 7.73 25.10
N ILE C 61 7.36 7.33 23.84
CA ILE C 61 7.97 6.07 23.40
C ILE C 61 9.13 6.36 22.46
N ALA C 62 10.26 5.73 22.73
CA ALA C 62 11.51 5.98 22.00
C ALA C 62 11.48 5.52 20.55
N LYS C 63 11.86 6.42 19.63
CA LYS C 63 12.00 6.06 18.21
C LYS C 63 13.45 6.30 17.78
N MET C 64 13.94 5.47 16.90
CA MET C 64 15.33 5.59 16.47
C MET C 64 15.55 6.91 15.70
N ARG C 65 16.62 7.61 16.04
CA ARG C 65 17.05 8.80 15.32
C ARG C 65 18.04 8.41 14.22
N ALA C 66 17.71 8.71 12.98
CA ALA C 66 18.58 8.37 11.86
C ALA C 66 19.86 9.21 11.87
N MET C 67 21.00 8.56 11.70
CA MET C 67 22.28 9.27 11.66
C MET C 67 22.38 9.92 10.30
N THR C 68 23.01 11.10 10.24
CA THR C 68 23.28 11.75 8.96
C THR C 68 24.68 12.35 8.99
N ILE C 69 25.28 12.51 7.81
CA ILE C 69 26.57 13.21 7.70
C ILE C 69 26.46 14.68 8.13
N THR C 70 25.40 15.37 7.73
CA THR C 70 25.20 16.74 8.17
C THR C 70 25.00 16.78 9.67
N GLY C 71 24.29 15.79 10.20
CA GLY C 71 24.15 15.66 11.64
C GLY C 71 25.48 15.50 12.35
N LEU C 72 26.32 14.62 11.82
CA LEU C 72 27.62 14.36 12.41
C LEU C 72 28.47 15.62 12.41
N THR C 73 28.54 16.28 11.25
CA THR C 73 29.41 17.43 11.11
C THR C 73 28.92 18.59 11.98
N LEU C 74 27.61 18.77 12.05
CA LEU C 74 27.09 19.81 12.95
C LEU C 74 27.50 19.50 14.38
N PHE C 75 27.43 18.22 14.75
CA PHE C 75 27.73 17.78 16.12
C PHE C 75 29.20 17.99 16.47
N ILE C 76 30.11 17.66 15.56
CA ILE C 76 31.52 17.88 15.85
C ILE C 76 31.93 19.32 15.47
N ASP C 77 30.92 20.08 15.02
CA ASP C 77 31.07 21.52 14.70
C ASP C 77 32.07 21.83 13.61
N VAL C 78 32.01 21.07 12.52
CA VAL C 78 32.74 21.42 11.32
C VAL C 78 31.74 21.58 10.18
N THR C 79 32.14 22.34 9.16
CA THR C 79 31.31 22.49 7.98
C THR C 79 31.44 21.25 7.13
N LEU C 80 30.48 21.02 6.24
CA LEU C 80 30.61 19.95 5.27
C LEU C 80 31.89 20.14 4.47
N GLU C 81 32.25 21.40 4.22
CA GLU C 81 33.45 21.70 3.46
C GLU C 81 34.70 21.20 4.21
N THR C 82 34.73 21.43 5.51
CA THR C 82 35.87 20.97 6.31
C THR C 82 35.94 19.44 6.27
N TRP C 83 34.78 18.81 6.43
CA TRP C 83 34.67 17.35 6.38
C TRP C 83 35.27 16.79 5.08
N ARG C 84 34.97 17.42 3.95
CA ARG C 84 35.53 16.99 2.68
C ARG C 84 37.05 17.19 2.64
N THR C 85 37.55 18.21 3.33
CA THR C 85 38.98 18.43 3.40
C THR C 85 39.73 17.20 3.95
N TYR C 86 39.11 16.50 4.91
CA TYR C 86 39.76 15.35 5.52
C TYR C 86 40.12 14.29 4.47
N ARG C 87 39.39 14.26 3.36
CA ARG C 87 39.69 13.36 2.26
C ARG C 87 41.10 13.55 1.70
N LEU C 88 41.70 14.71 1.99
CA LEU C 88 42.96 15.09 1.34
C LEU C 88 44.20 14.45 1.94
N ARG C 89 44.05 13.81 3.09
CA ARG C 89 45.15 13.05 3.70
C ARG C 89 44.66 11.69 4.15
N GLU C 90 45.51 10.68 3.95
CA GLU C 90 45.09 9.29 4.05
C GLU C 90 44.60 8.89 5.45
N ASP C 91 45.30 9.34 6.49
CA ASP C 91 44.89 8.99 7.85
C ASP C 91 43.44 9.44 8.13
N LEU C 92 43.17 10.72 7.91
CA LEU C 92 41.84 11.26 8.13
C LEU C 92 40.81 10.67 7.16
N SER C 93 41.19 10.49 5.89
CA SER C 93 40.24 9.95 4.92
C SER C 93 39.72 8.58 5.34
N GLU C 94 40.61 7.74 5.86
CA GLU C 94 40.18 6.43 6.33
C GLU C 94 39.11 6.56 7.42
N VAL C 95 39.27 7.56 8.29
CA VAL C 95 38.28 7.78 9.35
C VAL C 95 36.95 8.23 8.75
N VAL C 96 37.02 9.12 7.74
CA VAL C 96 35.79 9.61 7.11
C VAL C 96 35.03 8.43 6.50
N THR C 97 35.75 7.54 5.82
CA THR C 97 35.11 6.39 5.20
C THR C 97 34.47 5.51 6.28
N ARG C 98 35.23 5.25 7.34
CA ARG C 98 34.73 4.41 8.43
C ARG C 98 33.45 5.01 9.03
N ALA C 99 33.49 6.32 9.28
CA ALA C 99 32.33 7.01 9.84
C ALA C 99 31.13 6.99 8.88
N GLU C 100 31.39 7.24 7.60
CA GLU C 100 30.29 7.21 6.64
C GLU C 100 29.67 5.81 6.50
N GLN C 101 30.50 4.78 6.59
CA GLN C 101 29.98 3.41 6.56
C GLN C 101 29.09 3.12 7.77
N VAL C 102 29.48 3.63 8.94
CA VAL C 102 28.66 3.44 10.13
C VAL C 102 27.30 4.11 9.95
N ILE C 103 27.31 5.35 9.47
CA ILE C 103 26.08 6.09 9.24
C ILE C 103 25.16 5.35 8.28
N TYR C 104 25.72 4.88 7.15
CA TYR C 104 24.95 4.09 6.19
C TYR C 104 24.32 2.85 6.82
N ASP C 105 25.14 2.06 7.51
CA ASP C 105 24.66 0.83 8.14
C ASP C 105 23.64 1.05 9.24
N GLN C 106 23.76 2.14 9.99
CA GLN C 106 22.78 2.40 11.03
C GLN C 106 21.41 2.57 10.39
N LYS C 107 21.36 3.35 9.32
CA LYS C 107 20.10 3.62 8.64
C LYS C 107 19.60 2.38 7.89
N PHE C 108 20.50 1.65 7.26
CA PHE C 108 20.09 0.47 6.50
C PHE C 108 19.49 -0.56 7.46
N SER C 109 20.22 -0.86 8.54
CA SER C 109 19.74 -1.86 9.47
C SER C 109 18.48 -1.38 10.19
N GLY C 110 18.40 -0.09 10.49
CA GLY C 110 17.19 0.45 11.10
C GLY C 110 15.96 0.31 10.21
N ALA C 111 16.11 0.66 8.93
CA ALA C 111 15.02 0.54 7.98
C ALA C 111 14.66 -0.93 7.72
N ALA C 112 15.68 -1.78 7.62
CA ALA C 112 15.45 -3.21 7.42
C ALA C 112 14.63 -3.82 8.56
N ALA C 113 14.84 -3.31 9.77
CA ALA C 113 14.09 -3.78 10.93
C ALA C 113 12.81 -2.98 11.15
N ASP C 114 12.49 -2.11 10.20
CA ASP C 114 11.30 -1.26 10.29
C ASP C 114 11.29 -0.42 11.56
N LEU C 115 12.48 -0.04 12.02
CA LEU C 115 12.62 0.96 13.08
C LEU C 115 12.67 2.34 12.48
N LEU C 116 13.01 2.40 11.19
CA LEU C 116 12.96 3.65 10.42
C LEU C 116 12.11 3.44 9.17
N ASN C 117 11.49 4.51 8.67
CA ASN C 117 10.68 4.43 7.48
C ASN C 117 11.49 3.95 6.28
N ALA C 118 11.08 2.82 5.70
CA ALA C 118 11.90 2.19 4.68
C ALA C 118 12.03 3.01 3.41
N ASN C 119 10.95 3.62 2.93
CA ASN C 119 11.12 4.31 1.66
C ASN C 119 11.98 5.55 1.74
N ILE C 120 11.83 6.33 2.79
CA ILE C 120 12.66 7.52 2.89
C ILE C 120 14.13 7.18 3.11
N ILE C 121 14.41 6.13 3.88
CA ILE C 121 15.79 5.67 4.02
C ILE C 121 16.34 5.16 2.67
N ALA C 122 15.52 4.41 1.92
CA ALA C 122 15.97 3.89 0.64
C ALA C 122 16.39 5.04 -0.28
N ARG C 123 15.61 6.12 -0.29
CA ARG C 123 15.96 7.29 -1.07
C ARG C 123 17.24 7.94 -0.54
N ASP C 124 17.33 8.09 0.77
CA ASP C 124 18.51 8.70 1.38
C ASP C 124 19.79 7.91 1.07
N LEU C 125 19.71 6.59 1.14
CA LEU C 125 20.88 5.76 0.89
C LEU C 125 21.21 5.57 -0.59
N GLY C 126 20.29 5.97 -1.46
CA GLY C 126 20.52 5.80 -2.90
C GLY C 126 20.35 4.37 -3.35
N LEU C 127 19.53 3.61 -2.62
CA LEU C 127 19.19 2.25 -3.04
C LEU C 127 18.23 2.31 -4.23
N LYS C 128 18.62 1.68 -5.34
CA LYS C 128 17.90 1.83 -6.59
C LYS C 128 16.92 0.70 -6.85
N GLU C 129 15.82 1.00 -7.52
CA GLU C 129 14.97 -0.07 -8.06
C GLU C 129 15.49 -0.49 -9.42
N GLN C 130 15.77 -1.78 -9.58
CA GLN C 130 16.23 -2.31 -10.86
C GLN C 130 15.12 -3.11 -11.54
N SER C 131 14.90 -2.86 -12.83
CA SER C 131 13.84 -3.52 -13.57
C SER C 131 14.29 -3.95 -14.97
N GLN C 132 13.59 -4.95 -15.51
CA GLN C 132 13.81 -5.44 -16.86
C GLN C 132 12.47 -5.43 -17.56
N VAL C 133 12.39 -4.74 -18.69
CA VAL C 133 11.13 -4.52 -19.37
C VAL C 133 11.22 -5.03 -20.81
N GLU C 134 10.30 -5.93 -21.15
CA GLU C 134 10.21 -6.42 -22.52
C GLU C 134 9.04 -5.74 -23.20
N ASP C 135 9.28 -5.13 -24.35
CA ASP C 135 8.21 -4.66 -25.21
C ASP C 135 7.74 -5.82 -26.11
N VAL C 136 6.52 -6.33 -25.88
CA VAL C 136 6.05 -7.48 -26.64
C VAL C 136 5.32 -7.11 -27.92
N THR C 137 5.34 -5.81 -28.23
CA THR C 137 4.74 -5.29 -29.46
C THR C 137 5.78 -4.49 -30.25
N PRO C 138 6.93 -5.11 -30.57
CA PRO C 138 8.02 -4.40 -31.24
C PRO C 138 7.68 -4.08 -32.69
N ASP C 139 6.61 -4.68 -33.20
CA ASP C 139 6.15 -4.47 -34.57
C ASP C 139 7.16 -4.99 -35.59
N LYS D 5 -4.14 23.40 22.05
CA LYS D 5 -4.17 24.61 22.85
C LYS D 5 -4.10 25.85 21.98
N GLY D 6 -4.71 25.77 20.80
CA GLY D 6 -4.73 26.89 19.88
C GLY D 6 -3.55 26.59 18.98
N ASN D 7 -3.74 26.79 17.68
CA ASN D 7 -2.68 26.58 16.70
C ASN D 7 -2.65 27.90 15.94
N ARG D 8 -2.46 29.01 16.66
CA ARG D 8 -2.37 30.33 16.02
C ARG D 8 -0.95 30.70 15.62
N PHE D 9 -0.34 29.85 14.80
CA PHE D 9 1.04 30.03 14.38
C PHE D 9 1.25 31.32 13.60
N TRP D 10 0.19 31.86 13.02
CA TRP D 10 0.31 33.08 12.23
C TRP D 10 0.66 34.27 13.10
N GLU D 11 0.54 34.10 14.42
CA GLU D 11 0.86 35.17 15.38
C GLU D 11 2.26 35.09 15.96
N ALA D 12 3.00 34.03 15.64
CA ALA D 12 4.28 33.78 16.29
C ALA D 12 5.43 34.59 15.67
N ARG D 13 6.05 35.43 16.50
CA ARG D 13 7.18 36.25 16.08
C ARG D 13 8.26 36.19 17.15
N SER D 14 9.51 36.34 16.75
CA SER D 14 10.63 36.27 17.69
C SER D 14 10.70 37.52 18.53
N SER D 15 11.56 37.46 19.55
CA SER D 15 11.75 38.60 20.45
C SER D 15 12.50 39.75 19.78
N HIS D 16 13.21 39.44 18.68
CA HIS D 16 13.96 40.46 17.96
C HIS D 16 13.07 41.53 17.33
N GLY D 17 11.77 41.28 17.29
CA GLY D 17 10.81 42.29 16.85
C GLY D 17 10.67 42.43 15.34
N ARG D 18 10.03 43.52 14.91
CA ARG D 18 9.77 43.75 13.48
C ARG D 18 11.04 44.12 12.72
N ASN D 19 11.17 43.52 11.54
CA ASN D 19 12.26 43.83 10.61
C ASN D 19 13.64 43.95 11.23
N PRO D 20 14.14 42.84 11.80
CA PRO D 20 15.49 42.82 12.38
C PRO D 20 16.56 43.13 11.34
N LYS D 21 17.59 43.85 11.76
CA LYS D 21 18.73 44.14 10.91
C LYS D 21 19.94 43.38 11.44
N PHE D 22 20.04 42.10 11.12
CA PHE D 22 21.14 41.27 11.59
C PHE D 22 22.46 41.69 10.96
N GLU D 23 23.41 42.11 11.79
CA GLU D 23 24.71 42.53 11.32
C GLU D 23 25.74 41.55 11.84
N SER D 24 25.25 40.51 12.51
CA SER D 24 26.09 39.60 13.26
C SER D 24 25.63 38.16 13.05
N PRO D 25 26.59 37.23 12.94
CA PRO D 25 26.29 35.80 12.79
C PRO D 25 25.79 35.23 14.11
N GLU D 26 26.37 35.67 15.22
CA GLU D 26 25.86 35.27 16.53
C GLU D 26 24.41 35.72 16.68
N ALA D 27 24.12 36.94 16.22
CA ALA D 27 22.76 37.48 16.26
C ALA D 27 21.80 36.65 15.42
N LEU D 28 22.18 36.37 14.18
CA LEU D 28 21.30 35.65 13.27
C LEU D 28 21.09 34.20 13.72
N TRP D 29 22.16 33.53 14.12
CA TRP D 29 22.04 32.20 14.68
C TRP D 29 21.11 32.24 15.89
N ALA D 30 21.31 33.22 16.76
CA ALA D 30 20.45 33.41 17.92
C ALA D 30 18.97 33.48 17.54
N ALA D 31 18.66 34.21 16.47
CA ALA D 31 17.28 34.34 16.00
C ALA D 31 16.76 33.00 15.46
N CYS D 32 17.59 32.33 14.68
CA CYS D 32 17.21 31.03 14.13
C CYS D 32 16.88 30.06 15.26
N CYS D 33 17.68 30.10 16.32
CA CYS D 33 17.49 29.22 17.46
C CYS D 33 16.17 29.47 18.19
N GLU D 34 15.74 30.73 18.22
CA GLU D 34 14.43 31.06 18.80
C GLU D 34 13.32 30.39 18.00
N TYR D 35 13.50 30.31 16.68
CA TYR D 35 12.50 29.66 15.86
C TYR D 35 12.46 28.18 16.19
N PHE D 36 13.63 27.56 16.30
CA PHE D 36 13.68 26.12 16.54
C PHE D 36 12.98 25.81 17.86
N GLU D 37 13.24 26.63 18.88
CA GLU D 37 12.64 26.45 20.20
C GLU D 37 11.11 26.54 20.16
N TRP D 38 10.59 27.52 19.43
CA TRP D 38 9.15 27.67 19.30
C TRP D 38 8.50 26.43 18.67
N VAL D 39 9.12 25.93 17.61
CA VAL D 39 8.64 24.73 16.91
C VAL D 39 8.49 23.56 17.88
N GLU D 40 9.52 23.30 18.67
CA GLU D 40 9.48 22.19 19.62
C GLU D 40 8.49 22.41 20.75
N ALA D 41 8.33 23.66 21.17
CA ALA D 41 7.41 23.98 22.26
C ALA D 41 5.96 23.99 21.80
N ASN D 42 5.77 23.94 20.48
CA ASN D 42 4.43 24.11 19.93
C ASN D 42 4.01 23.01 18.94
N PRO D 43 3.88 21.80 19.45
CA PRO D 43 3.45 20.69 18.60
C PRO D 43 2.00 20.89 18.15
N LEU D 44 1.63 20.16 17.10
CA LEU D 44 0.23 20.05 16.70
C LEU D 44 -0.45 19.07 17.63
N TRP D 45 -1.78 19.11 17.66
CA TRP D 45 -2.52 18.24 18.58
C TRP D 45 -3.54 17.39 17.85
N GLU D 46 -3.57 16.10 18.19
CA GLU D 46 -4.53 15.20 17.60
C GLU D 46 -5.43 14.63 18.69
N MET D 47 -6.75 14.68 18.47
CA MET D 47 -7.70 14.14 19.44
C MET D 47 -7.81 12.64 19.31
N LYS D 48 -7.65 11.95 20.43
CA LYS D 48 -7.82 10.52 20.48
C LYS D 48 -8.94 10.19 21.45
N ALA D 49 -9.75 9.20 21.11
CA ALA D 49 -10.88 8.82 21.93
C ALA D 49 -10.61 7.50 22.64
N PHE D 50 -11.15 7.37 23.84
CA PHE D 50 -11.01 6.14 24.61
C PHE D 50 -12.34 5.82 25.26
N SER D 51 -12.70 4.55 25.30
CA SER D 51 -13.93 4.15 25.97
C SER D 51 -13.64 3.54 27.33
N TYR D 52 -14.58 3.71 28.24
CA TYR D 52 -14.54 3.02 29.52
C TYR D 52 -15.94 2.99 30.11
N GLN D 53 -16.49 1.78 30.26
CA GLN D 53 -17.80 1.56 30.91
C GLN D 53 -18.98 2.42 30.47
N GLY D 54 -19.13 2.58 29.15
CA GLY D 54 -20.24 3.36 28.65
C GLY D 54 -19.98 4.85 28.48
N GLU D 55 -18.74 5.26 28.67
CA GLU D 55 -18.37 6.67 28.48
C GLU D 55 -17.12 6.77 27.62
N VAL D 56 -17.13 7.73 26.69
CA VAL D 56 -15.96 7.98 25.88
C VAL D 56 -15.25 9.26 26.32
N ILE D 57 -13.92 9.21 26.36
CA ILE D 57 -13.10 10.33 26.79
C ILE D 57 -12.15 10.73 25.69
N GLN D 58 -11.96 12.04 25.50
CA GLN D 58 -11.07 12.54 24.46
C GLN D 58 -9.81 13.12 25.08
N GLU D 59 -8.66 12.81 24.47
CA GLU D 59 -7.38 13.31 24.95
C GLU D 59 -6.56 13.78 23.75
N PRO D 60 -6.01 15.01 23.85
CA PRO D 60 -5.17 15.51 22.78
C PRO D 60 -3.74 14.98 22.93
N ILE D 61 -3.15 14.62 21.79
CA ILE D 61 -1.82 14.05 21.81
C ILE D 61 -0.91 14.83 20.87
N ALA D 62 0.30 15.09 21.31
CA ALA D 62 1.21 15.96 20.57
C ALA D 62 1.76 15.31 19.30
N LYS D 63 1.76 16.07 18.22
CA LYS D 63 2.35 15.64 16.97
C LYS D 63 3.43 16.65 16.58
N MET D 64 4.50 16.16 15.98
CA MET D 64 5.62 16.99 15.60
C MET D 64 5.23 18.04 14.56
N ARG D 65 5.62 19.29 14.80
CA ARG D 65 5.45 20.35 13.81
C ARG D 65 6.68 20.41 12.95
N ALA D 66 6.51 20.31 11.63
CA ALA D 66 7.64 20.35 10.71
C ALA D 66 8.24 21.77 10.59
N MET D 67 9.55 21.87 10.69
CA MET D 67 10.24 23.13 10.41
C MET D 67 10.27 23.43 8.92
N THR D 68 10.24 24.71 8.56
CA THR D 68 10.38 25.12 7.17
C THR D 68 11.21 26.40 7.07
N ILE D 69 11.86 26.63 5.94
CA ILE D 69 12.63 27.86 5.76
C ILE D 69 11.68 29.05 5.77
N THR D 70 10.48 28.85 5.25
CA THR D 70 9.45 29.89 5.25
C THR D 70 9.07 30.26 6.66
N GLY D 71 8.78 29.23 7.47
CA GLY D 71 8.47 29.43 8.87
C GLY D 71 9.54 30.21 9.60
N LEU D 72 10.80 29.84 9.42
CA LEU D 72 11.90 30.52 10.09
C LEU D 72 11.92 32.00 9.70
N THR D 73 11.90 32.28 8.40
CA THR D 73 11.97 33.67 7.94
C THR D 73 10.76 34.48 8.42
N LEU D 74 9.57 33.90 8.33
CA LEU D 74 8.38 34.56 8.87
C LEU D 74 8.52 34.83 10.37
N PHE D 75 9.11 33.89 11.09
CA PHE D 75 9.22 34.00 12.54
C PHE D 75 10.20 35.10 12.95
N ILE D 76 11.35 35.15 12.30
CA ILE D 76 12.31 36.22 12.55
C ILE D 76 11.98 37.49 11.76
N ASP D 77 10.90 37.43 10.98
CA ASP D 77 10.37 38.60 10.28
C ASP D 77 11.35 39.20 9.28
N VAL D 78 12.00 38.36 8.49
CA VAL D 78 12.75 38.83 7.32
C VAL D 78 12.13 38.21 6.08
N THR D 79 12.36 38.84 4.94
CA THR D 79 11.83 38.34 3.67
C THR D 79 12.76 37.26 3.13
N LEU D 80 12.24 36.42 2.23
CA LEU D 80 13.07 35.43 1.56
C LEU D 80 14.19 36.13 0.81
N GLU D 81 13.87 37.29 0.26
CA GLU D 81 14.86 38.08 -0.45
C GLU D 81 15.98 38.49 0.50
N THR D 82 15.59 38.90 1.70
CA THR D 82 16.55 39.26 2.74
C THR D 82 17.37 38.03 3.18
N TRP D 83 16.71 36.89 3.30
CA TRP D 83 17.36 35.66 3.69
C TRP D 83 18.47 35.27 2.71
N ARG D 84 18.19 35.43 1.41
CA ARG D 84 19.16 35.12 0.37
C ARG D 84 20.23 36.20 0.29
N THR D 85 19.95 37.37 0.86
CA THR D 85 20.92 38.45 0.92
C THR D 85 22.11 38.00 1.74
N TYR D 86 21.83 37.30 2.85
CA TYR D 86 22.86 36.84 3.76
C TYR D 86 23.95 36.06 3.04
N ARG D 87 23.59 35.42 1.93
CA ARG D 87 24.56 34.67 1.14
C ARG D 87 25.66 35.58 0.61
N LEU D 88 25.31 36.82 0.28
CA LEU D 88 26.28 37.79 -0.23
C LEU D 88 27.52 37.88 0.65
N ARG D 89 27.32 37.99 1.95
CA ARG D 89 28.43 38.02 2.89
C ARG D 89 28.69 36.65 3.48
N GLU D 90 29.82 36.04 3.10
CA GLU D 90 30.17 34.68 3.52
C GLU D 90 30.07 34.51 5.03
N ASP D 91 29.99 35.64 5.74
CA ASP D 91 29.82 35.65 7.18
C ASP D 91 28.48 35.04 7.61
N LEU D 92 27.40 35.56 7.06
CA LEU D 92 26.04 35.12 7.39
C LEU D 92 25.60 33.87 6.61
N SER D 93 26.15 33.68 5.42
CA SER D 93 25.79 32.54 4.61
C SER D 93 26.17 31.26 5.33
N GLU D 94 27.20 31.34 6.17
CA GLU D 94 27.61 30.19 6.96
C GLU D 94 26.54 29.84 8.00
N VAL D 95 25.95 30.88 8.61
CA VAL D 95 24.86 30.66 9.56
C VAL D 95 23.59 30.17 8.85
N VAL D 96 23.30 30.73 7.68
CA VAL D 96 22.18 30.24 6.87
C VAL D 96 22.31 28.76 6.49
N THR D 97 23.49 28.37 6.02
CA THR D 97 23.74 26.98 5.69
C THR D 97 23.46 26.09 6.90
N ARG D 98 23.89 26.53 8.08
CA ARG D 98 23.71 25.75 9.30
C ARG D 98 22.24 25.60 9.69
N ALA D 99 21.47 26.68 9.49
CA ALA D 99 20.05 26.68 9.84
C ALA D 99 19.31 25.76 8.91
N GLU D 100 19.63 25.87 7.63
CA GLU D 100 18.92 25.08 6.63
C GLU D 100 19.23 23.62 6.87
N GLN D 101 20.44 23.35 7.34
CA GLN D 101 20.81 21.96 7.64
C GLN D 101 20.01 21.44 8.82
N VAL D 102 19.87 22.24 9.86
CA VAL D 102 19.01 21.92 11.00
C VAL D 102 17.55 21.65 10.57
N ILE D 103 16.97 22.55 9.79
CA ILE D 103 15.61 22.38 9.28
C ILE D 103 15.42 21.11 8.45
N TYR D 104 16.32 20.90 7.49
CA TYR D 104 16.37 19.66 6.72
C TYR D 104 16.45 18.44 7.65
N ASP D 105 17.39 18.46 8.59
CA ASP D 105 17.60 17.31 9.47
C ASP D 105 16.40 17.02 10.37
N GLN D 106 15.71 18.09 10.80
CA GLN D 106 14.56 17.92 11.68
C GLN D 106 13.49 17.12 10.96
N LYS D 107 13.20 17.53 9.75
CA LYS D 107 12.17 16.86 8.96
C LYS D 107 12.62 15.47 8.53
N PHE D 108 13.89 15.33 8.16
CA PHE D 108 14.37 14.01 7.77
C PHE D 108 14.28 13.01 8.93
N SER D 109 14.77 13.38 10.10
CA SER D 109 14.75 12.43 11.21
C SER D 109 13.32 12.18 11.69
N GLY D 110 12.50 13.22 11.68
CA GLY D 110 11.09 13.07 11.97
C GLY D 110 10.40 12.07 11.04
N ALA D 111 10.60 12.22 9.73
CA ALA D 111 10.03 11.31 8.75
C ALA D 111 10.60 9.90 8.93
N ALA D 112 11.90 9.81 9.14
CA ALA D 112 12.53 8.50 9.29
C ALA D 112 11.94 7.74 10.46
N ALA D 113 11.59 8.46 11.52
CA ALA D 113 10.97 7.86 12.70
C ALA D 113 9.45 7.72 12.62
N ASP D 114 8.87 8.02 11.45
CA ASP D 114 7.43 8.03 11.25
C ASP D 114 6.68 8.98 12.19
N LEU D 115 7.37 10.02 12.64
CA LEU D 115 6.70 11.07 13.41
C LEU D 115 6.11 12.12 12.48
N LEU D 116 6.67 12.18 11.27
CA LEU D 116 6.15 13.00 10.20
C LEU D 116 5.86 12.08 9.03
N ASN D 117 4.93 12.49 8.17
CA ASN D 117 4.57 11.69 7.02
C ASN D 117 5.72 11.58 6.03
N ALA D 118 6.15 10.34 5.74
CA ALA D 118 7.37 10.14 4.98
C ALA D 118 7.25 10.65 3.56
N ASN D 119 6.11 10.48 2.93
CA ASN D 119 6.09 10.93 1.54
C ASN D 119 6.02 12.43 1.37
N ILE D 120 5.27 13.10 2.25
CA ILE D 120 5.21 14.56 2.25
C ILE D 120 6.62 15.08 2.42
N ILE D 121 7.35 14.50 3.35
CA ILE D 121 8.66 15.01 3.69
C ILE D 121 9.65 14.69 2.56
N ALA D 122 9.55 13.49 1.97
CA ALA D 122 10.43 13.16 0.85
C ALA D 122 10.28 14.16 -0.30
N ARG D 123 9.04 14.53 -0.62
CA ARG D 123 8.82 15.53 -1.66
C ARG D 123 9.39 16.89 -1.23
N ASP D 124 9.17 17.26 0.02
CA ASP D 124 9.65 18.55 0.52
C ASP D 124 11.17 18.66 0.49
N LEU D 125 11.84 17.59 0.91
CA LEU D 125 13.31 17.58 0.96
C LEU D 125 13.96 17.34 -0.40
N GLY D 126 13.16 16.92 -1.38
CA GLY D 126 13.71 16.62 -2.69
C GLY D 126 14.51 15.33 -2.73
N LEU D 127 14.17 14.38 -1.85
CA LEU D 127 14.75 13.04 -1.94
C LEU D 127 14.20 12.31 -3.16
N LYS D 128 15.10 11.82 -4.02
CA LYS D 128 14.69 11.24 -5.29
C LYS D 128 14.58 9.71 -5.30
N GLU D 129 13.64 9.17 -6.06
CA GLU D 129 13.67 7.74 -6.35
C GLU D 129 14.62 7.52 -7.51
N GLN D 130 15.56 6.61 -7.35
CA GLN D 130 16.49 6.31 -8.44
C GLN D 130 16.18 4.92 -8.94
N SER D 131 16.23 4.76 -10.26
CA SER D 131 15.95 3.47 -10.87
C SER D 131 16.87 3.17 -12.05
N GLN D 132 17.00 1.90 -12.36
CA GLN D 132 17.81 1.44 -13.47
C GLN D 132 16.93 0.47 -14.26
N VAL D 133 16.80 0.72 -15.55
CA VAL D 133 15.84 -0.03 -16.37
C VAL D 133 16.56 -0.63 -17.54
N GLU D 134 16.48 -1.95 -17.69
CA GLU D 134 17.06 -2.61 -18.86
C GLU D 134 15.97 -3.02 -19.83
N ASP D 135 16.12 -2.64 -21.10
CA ASP D 135 15.20 -3.08 -22.12
C ASP D 135 15.64 -4.47 -22.59
N VAL D 136 14.82 -5.49 -22.33
CA VAL D 136 15.19 -6.86 -22.67
C VAL D 136 14.42 -7.39 -23.88
N THR D 137 13.84 -6.47 -24.65
CA THR D 137 13.17 -6.85 -25.87
C THR D 137 14.13 -7.61 -26.77
N PRO D 138 13.76 -8.85 -27.13
CA PRO D 138 14.56 -9.72 -28.01
C PRO D 138 14.82 -9.08 -29.36
N ASP D 139 15.85 -9.56 -30.06
CA ASP D 139 16.15 -9.07 -31.39
C ASP D 139 17.26 -9.88 -32.05
N ARG E 8 -23.17 24.58 9.60
CA ARG E 8 -22.96 24.36 8.16
C ARG E 8 -21.83 25.26 7.68
N PHE E 9 -20.79 24.69 7.07
CA PHE E 9 -19.65 25.53 6.71
C PHE E 9 -19.97 26.58 5.65
N TRP E 10 -21.01 26.35 4.85
CA TRP E 10 -21.38 27.30 3.81
C TRP E 10 -22.14 28.46 4.39
N GLU E 11 -22.42 28.39 5.69
CA GLU E 11 -23.17 29.43 6.39
C GLU E 11 -22.25 30.35 7.19
N ALA E 12 -21.04 29.88 7.49
CA ALA E 12 -20.14 30.65 8.33
C ALA E 12 -19.76 31.97 7.65
N ARG E 13 -19.73 33.04 8.43
CA ARG E 13 -19.39 34.35 7.87
C ARG E 13 -18.65 35.22 8.88
N SER E 14 -17.75 36.07 8.39
CA SER E 14 -16.98 36.94 9.27
C SER E 14 -17.85 38.02 9.89
N SER E 15 -17.28 38.73 10.87
CA SER E 15 -18.00 39.81 11.54
C SER E 15 -18.06 41.06 10.67
N HIS E 16 -17.48 40.99 9.48
CA HIS E 16 -17.40 42.15 8.59
C HIS E 16 -18.62 42.30 7.68
N GLY E 17 -19.62 41.42 7.85
CA GLY E 17 -20.89 41.57 7.16
C GLY E 17 -20.90 41.15 5.70
N ARG E 18 -21.98 41.46 5.00
CA ARG E 18 -22.13 41.11 3.58
C ARG E 18 -21.36 42.06 2.67
N ASN E 19 -20.82 41.52 1.58
CA ASN E 19 -20.12 42.33 0.57
C ASN E 19 -19.19 43.36 1.18
N PRO E 20 -18.31 42.94 2.08
CA PRO E 20 -17.51 43.90 2.83
C PRO E 20 -16.55 44.66 1.92
N LYS E 21 -16.28 45.90 2.26
CA LYS E 21 -15.19 46.65 1.65
C LYS E 21 -14.12 46.74 2.73
N PHE E 22 -12.86 46.63 2.35
CA PHE E 22 -11.76 46.68 3.30
C PHE E 22 -10.97 47.98 3.15
N GLU E 23 -11.03 48.82 4.18
CA GLU E 23 -10.47 50.17 4.12
C GLU E 23 -8.99 50.18 4.49
N SER E 24 -8.49 49.09 5.08
CA SER E 24 -7.12 49.05 5.56
C SER E 24 -6.62 47.61 5.63
N PRO E 25 -5.29 47.43 5.60
CA PRO E 25 -4.74 46.09 5.77
C PRO E 25 -5.08 45.47 7.12
N GLU E 26 -5.19 46.26 8.20
CA GLU E 26 -5.56 45.67 9.48
C GLU E 26 -6.99 45.12 9.47
N ALA E 27 -7.89 45.79 8.76
CA ALA E 27 -9.25 45.28 8.64
C ALA E 27 -9.30 43.97 7.86
N LEU E 28 -8.60 43.91 6.73
CA LEU E 28 -8.60 42.68 5.93
C LEU E 28 -7.96 41.53 6.68
N TRP E 29 -6.84 41.80 7.35
CA TRP E 29 -6.12 40.76 8.08
C TRP E 29 -6.98 40.22 9.24
N ALA E 30 -7.66 41.14 9.91
CA ALA E 30 -8.59 40.79 10.97
C ALA E 30 -9.65 39.83 10.45
N ALA E 31 -10.17 40.11 9.27
CA ALA E 31 -11.16 39.21 8.67
C ALA E 31 -10.57 37.83 8.32
N CYS E 32 -9.35 37.81 7.76
CA CYS E 32 -8.68 36.55 7.46
C CYS E 32 -8.45 35.75 8.73
N CYS E 33 -8.01 36.42 9.79
CA CYS E 33 -7.74 35.72 11.04
C CYS E 33 -9.02 35.15 11.62
N GLU E 34 -10.15 35.81 11.39
CA GLU E 34 -11.43 35.22 11.77
C GLU E 34 -11.67 33.90 11.07
N TYR E 35 -11.29 33.81 9.81
CA TYR E 35 -11.44 32.57 9.07
C TYR E 35 -10.55 31.50 9.66
N PHE E 36 -9.28 31.84 9.90
CA PHE E 36 -8.33 30.87 10.42
C PHE E 36 -8.82 30.33 11.75
N GLU E 37 -9.36 31.21 12.58
CA GLU E 37 -9.86 30.84 13.90
C GLU E 37 -11.13 30.01 13.80
N TRP E 38 -11.99 30.34 12.84
CA TRP E 38 -13.18 29.53 12.61
C TRP E 38 -12.78 28.10 12.23
N VAL E 39 -11.83 27.98 11.30
CA VAL E 39 -11.36 26.65 10.89
C VAL E 39 -10.87 25.84 12.08
N GLU E 40 -10.01 26.43 12.92
CA GLU E 40 -9.49 25.70 14.07
C GLU E 40 -10.58 25.34 15.08
N ALA E 41 -11.60 26.17 15.19
CA ALA E 41 -12.71 25.92 16.10
C ALA E 41 -13.79 25.01 15.53
N ASN E 42 -13.69 24.69 14.24
CA ASN E 42 -14.69 23.84 13.60
C ASN E 42 -14.06 22.67 12.86
N PRO E 43 -13.53 21.71 13.61
CA PRO E 43 -12.98 20.51 12.98
C PRO E 43 -14.10 19.74 12.28
N LEU E 44 -13.76 18.88 11.33
CA LEU E 44 -14.73 17.93 10.84
C LEU E 44 -14.85 16.82 11.88
N TRP E 45 -15.88 15.99 11.76
CA TRP E 45 -16.09 14.95 12.76
C TRP E 45 -16.19 13.55 12.15
N GLU E 46 -15.32 12.67 12.63
CA GLU E 46 -15.39 11.26 12.26
C GLU E 46 -16.25 10.55 13.30
N MET E 47 -17.30 9.89 12.84
CA MET E 47 -18.18 9.18 13.77
C MET E 47 -17.65 7.77 14.00
N LYS E 48 -17.41 7.46 15.26
CA LYS E 48 -16.84 6.18 15.64
C LYS E 48 -17.81 5.54 16.60
N ALA E 49 -17.87 4.20 16.62
CA ALA E 49 -18.76 3.51 17.54
C ALA E 49 -17.95 2.68 18.54
N PHE E 50 -18.43 2.64 19.78
CA PHE E 50 -17.85 1.83 20.84
C PHE E 50 -19.00 1.04 21.42
N SER E 51 -18.73 -0.14 21.98
CA SER E 51 -19.81 -0.92 22.57
C SER E 51 -19.52 -1.29 24.02
N TYR E 52 -20.55 -1.22 24.86
CA TYR E 52 -20.41 -1.65 26.24
C TYR E 52 -21.69 -2.30 26.76
N GLN E 53 -21.59 -3.56 27.15
CA GLN E 53 -22.71 -4.29 27.74
C GLN E 53 -23.99 -4.26 26.91
N GLY E 54 -23.83 -4.24 25.59
CA GLY E 54 -24.98 -4.41 24.70
C GLY E 54 -25.49 -3.14 24.05
N GLU E 55 -24.97 -2.00 24.49
CA GLU E 55 -25.37 -0.74 23.88
C GLU E 55 -24.22 -0.17 23.05
N VAL E 56 -24.57 0.51 21.97
CA VAL E 56 -23.55 1.18 21.17
C VAL E 56 -23.51 2.66 21.50
N ILE E 57 -22.29 3.19 21.62
CA ILE E 57 -22.08 4.60 21.85
C ILE E 57 -21.47 5.18 20.58
N GLN E 58 -22.00 6.31 20.13
CA GLN E 58 -21.47 6.97 18.93
C GLN E 58 -20.66 8.17 19.36
N GLU E 59 -19.34 8.09 19.21
CA GLU E 59 -18.48 9.19 19.66
C GLU E 59 -17.87 9.99 18.52
N PRO E 60 -18.30 11.26 18.38
CA PRO E 60 -17.69 12.12 17.36
C PRO E 60 -16.25 12.46 17.70
N ILE E 61 -15.33 12.22 16.76
CA ILE E 61 -13.91 12.50 16.96
C ILE E 61 -13.39 13.55 15.99
N ALA E 62 -12.76 14.60 16.53
CA ALA E 62 -12.36 15.77 15.73
C ALA E 62 -11.25 15.48 14.72
N LYS E 63 -11.48 15.87 13.47
CA LYS E 63 -10.50 15.78 12.40
C LYS E 63 -10.16 17.18 11.89
N MET E 64 -8.88 17.44 11.62
CA MET E 64 -8.46 18.76 11.15
C MET E 64 -9.15 19.15 9.85
N ARG E 65 -9.66 20.39 9.79
CA ARG E 65 -10.23 20.92 8.55
C ARG E 65 -9.18 21.71 7.76
N ALA E 66 -8.93 21.29 6.53
CA ALA E 66 -7.94 21.95 5.68
C ALA E 66 -8.42 23.34 5.30
N MET E 67 -7.55 24.33 5.45
CA MET E 67 -7.85 25.67 4.94
C MET E 67 -7.78 25.73 3.42
N THR E 68 -8.62 26.56 2.81
CA THR E 68 -8.55 26.78 1.38
C THR E 68 -8.82 28.25 1.08
N ILE E 69 -8.29 28.75 -0.02
CA ILE E 69 -8.55 30.14 -0.40
C ILE E 69 -10.04 30.36 -0.68
N THR E 70 -10.69 29.40 -1.34
CA THR E 70 -12.13 29.55 -1.60
C THR E 70 -12.95 29.49 -0.32
N GLY E 71 -12.48 28.75 0.67
CA GLY E 71 -13.13 28.77 1.97
C GLY E 71 -13.00 30.12 2.64
N LEU E 72 -11.80 30.69 2.61
CA LEU E 72 -11.56 32.02 3.14
C LEU E 72 -12.52 33.02 2.51
N THR E 73 -12.56 33.05 1.19
CA THR E 73 -13.38 34.04 0.48
C THR E 73 -14.89 33.86 0.70
N LEU E 74 -15.35 32.61 0.80
CA LEU E 74 -16.74 32.36 1.16
C LEU E 74 -17.02 32.94 2.54
N PHE E 75 -16.09 32.66 3.46
CA PHE E 75 -16.23 33.12 4.83
C PHE E 75 -16.29 34.64 4.99
N ILE E 76 -15.41 35.34 4.28
CA ILE E 76 -15.41 36.80 4.36
C ILE E 76 -16.41 37.40 3.38
N ASP E 77 -17.08 36.52 2.63
CA ASP E 77 -18.16 36.89 1.72
C ASP E 77 -17.73 37.75 0.53
N VAL E 78 -16.70 37.30 -0.19
CA VAL E 78 -16.29 37.96 -1.42
C VAL E 78 -16.04 36.88 -2.46
N THR E 79 -16.12 37.23 -3.73
CA THR E 79 -15.82 36.25 -4.78
C THR E 79 -14.31 36.09 -4.89
N LEU E 80 -13.87 35.04 -5.57
CA LEU E 80 -12.45 34.84 -5.82
C LEU E 80 -11.92 36.03 -6.62
N GLU E 81 -12.74 36.52 -7.55
CA GLU E 81 -12.34 37.66 -8.36
C GLU E 81 -12.03 38.88 -7.51
N THR E 82 -12.90 39.16 -6.54
CA THR E 82 -12.68 40.29 -5.63
C THR E 82 -11.42 40.08 -4.79
N TRP E 83 -11.27 38.90 -4.19
CA TRP E 83 -10.05 38.58 -3.45
C TRP E 83 -8.81 38.90 -4.30
N ARG E 84 -8.85 38.48 -5.55
CA ARG E 84 -7.70 38.70 -6.43
C ARG E 84 -7.43 40.20 -6.65
N THR E 85 -8.46 41.03 -6.65
CA THR E 85 -8.25 42.47 -6.83
C THR E 85 -7.47 43.07 -5.65
N TYR E 86 -7.51 42.42 -4.49
CA TYR E 86 -6.79 42.96 -3.32
C TYR E 86 -5.29 42.97 -3.57
N ARG E 87 -4.79 42.08 -4.43
CA ARG E 87 -3.37 42.12 -4.79
C ARG E 87 -3.00 43.44 -5.47
N LEU E 88 -3.99 44.11 -6.04
CA LEU E 88 -3.76 45.34 -6.79
C LEU E 88 -3.68 46.57 -5.90
N ARG E 89 -4.20 46.47 -4.68
CA ARG E 89 -4.11 47.58 -3.73
C ARG E 89 -2.74 47.56 -3.06
N GLU E 90 -2.00 48.67 -3.11
CA GLU E 90 -0.70 48.68 -2.47
C GLU E 90 -0.81 48.50 -0.96
N ASP E 91 -1.95 48.86 -0.38
CA ASP E 91 -2.13 48.71 1.07
C ASP E 91 -2.60 47.30 1.52
N LEU E 92 -3.02 46.46 0.57
CA LEU E 92 -3.61 45.16 0.90
C LEU E 92 -2.80 43.99 0.34
N SER E 93 -2.01 44.26 -0.69
CA SER E 93 -1.29 43.18 -1.37
C SER E 93 -0.49 42.29 -0.40
N GLU E 94 0.14 42.90 0.60
CA GLU E 94 0.99 42.11 1.50
C GLU E 94 0.13 41.22 2.39
N VAL E 95 -1.08 41.67 2.69
CA VAL E 95 -2.03 40.87 3.46
C VAL E 95 -2.49 39.62 2.70
N VAL E 96 -2.77 39.77 1.40
CA VAL E 96 -3.18 38.61 0.59
C VAL E 96 -2.07 37.57 0.59
N THR E 97 -0.84 38.04 0.42
CA THR E 97 0.30 37.14 0.38
C THR E 97 0.41 36.41 1.70
N ARG E 98 0.29 37.16 2.78
CA ARG E 98 0.41 36.56 4.11
C ARG E 98 -0.70 35.54 4.36
N ALA E 99 -1.92 35.88 3.98
CA ALA E 99 -3.08 34.98 4.19
C ALA E 99 -2.92 33.70 3.38
N GLU E 100 -2.51 33.81 2.14
CA GLU E 100 -2.35 32.61 1.31
C GLU E 100 -1.21 31.75 1.84
N GLN E 101 -0.17 32.39 2.39
CA GLN E 101 0.93 31.63 2.96
C GLN E 101 0.48 30.87 4.22
N VAL E 102 -0.39 31.48 5.03
CA VAL E 102 -0.94 30.79 6.21
C VAL E 102 -1.73 29.53 5.80
N ILE E 103 -2.60 29.70 4.82
CA ILE E 103 -3.37 28.59 4.25
C ILE E 103 -2.45 27.43 3.80
N TYR E 104 -1.42 27.76 3.03
CA TYR E 104 -0.44 26.78 2.56
C TYR E 104 0.24 26.08 3.73
N ASP E 105 0.73 26.86 4.69
CA ASP E 105 1.47 26.32 5.81
C ASP E 105 0.61 25.42 6.71
N GLN E 106 -0.65 25.77 6.88
CA GLN E 106 -1.55 25.00 7.73
C GLN E 106 -1.72 23.59 7.16
N LYS E 107 -1.93 23.53 5.86
CA LYS E 107 -2.09 22.23 5.18
C LYS E 107 -0.78 21.45 5.16
N PHE E 108 0.34 22.14 4.92
CA PHE E 108 1.62 21.44 4.90
C PHE E 108 1.91 20.84 6.27
N SER E 109 1.77 21.65 7.32
CA SER E 109 2.07 21.17 8.66
C SER E 109 1.12 20.04 9.07
N GLY E 110 -0.14 20.15 8.67
CA GLY E 110 -1.13 19.14 9.02
C GLY E 110 -0.84 17.81 8.32
N ALA E 111 -0.53 17.89 7.03
CA ALA E 111 -0.19 16.69 6.27
C ALA E 111 1.10 16.06 6.80
N ALA E 112 2.11 16.88 7.06
CA ALA E 112 3.38 16.37 7.57
C ALA E 112 3.18 15.68 8.93
N ALA E 113 2.23 16.17 9.72
CA ALA E 113 1.93 15.55 11.01
C ALA E 113 0.89 14.42 10.94
N ASP E 114 0.57 13.95 9.73
CA ASP E 114 -0.40 12.86 9.59
C ASP E 114 -1.79 13.23 10.09
N LEU E 115 -2.13 14.52 10.06
CA LEU E 115 -3.45 14.96 10.52
C LEU E 115 -4.38 15.26 9.34
N LEU E 116 -3.77 15.39 8.16
CA LEU E 116 -4.50 15.52 6.90
C LEU E 116 -3.96 14.48 5.95
N ASN E 117 -4.79 14.03 5.01
CA ASN E 117 -4.38 13.01 4.05
C ASN E 117 -3.21 13.50 3.23
N ALA E 118 -2.13 12.75 3.26
CA ALA E 118 -0.87 13.18 2.66
C ALA E 118 -0.99 13.40 1.17
N ASN E 119 -1.57 12.44 0.46
CA ASN E 119 -1.56 12.60 -0.98
C ASN E 119 -2.49 13.71 -1.49
N ILE E 120 -3.64 13.86 -0.87
CA ILE E 120 -4.56 14.95 -1.22
C ILE E 120 -3.86 16.32 -1.06
N ILE E 121 -3.18 16.50 0.07
CA ILE E 121 -2.47 17.76 0.34
C ILE E 121 -1.29 17.95 -0.59
N ALA E 122 -0.51 16.90 -0.80
CA ALA E 122 0.63 17.00 -1.71
C ALA E 122 0.17 17.47 -3.11
N ARG E 123 -0.93 16.92 -3.60
CA ARG E 123 -1.44 17.35 -4.91
C ARG E 123 -1.91 18.79 -4.83
N ASP E 124 -2.65 19.13 -3.77
CA ASP E 124 -3.18 20.49 -3.63
C ASP E 124 -2.07 21.54 -3.56
N LEU E 125 -1.02 21.23 -2.81
CA LEU E 125 0.10 22.16 -2.62
C LEU E 125 1.05 22.18 -3.81
N GLY E 126 0.92 21.21 -4.70
CA GLY E 126 1.88 21.07 -5.81
C GLY E 126 3.25 20.54 -5.41
N LEU E 127 3.33 19.71 -4.38
CA LEU E 127 4.59 19.09 -3.99
C LEU E 127 4.94 18.03 -5.01
N LYS E 128 6.13 18.12 -5.58
CA LYS E 128 6.51 17.27 -6.71
C LYS E 128 7.26 16.01 -6.30
N GLU E 129 7.08 14.93 -7.06
CA GLU E 129 7.94 13.76 -6.90
C GLU E 129 9.10 13.90 -7.88
N GLN E 130 10.31 13.68 -7.40
CA GLN E 130 11.48 13.77 -8.27
C GLN E 130 12.13 12.42 -8.43
N SER E 131 12.53 12.08 -9.66
CA SER E 131 13.16 10.80 -9.90
C SER E 131 14.28 10.87 -10.92
N GLN E 132 15.17 9.89 -10.85
CA GLN E 132 16.29 9.77 -11.77
C GLN E 132 16.27 8.35 -12.34
N VAL E 133 16.37 8.25 -13.67
CA VAL E 133 16.22 6.98 -14.34
C VAL E 133 17.43 6.73 -15.22
N GLU E 134 18.07 5.57 -15.06
CA GLU E 134 19.18 5.20 -15.93
C GLU E 134 18.81 4.04 -16.83
N ASP E 135 19.02 4.21 -18.14
CA ASP E 135 18.86 3.11 -19.09
C ASP E 135 20.12 2.26 -19.07
N VAL E 136 20.01 1.04 -18.56
CA VAL E 136 21.19 0.17 -18.43
C VAL E 136 21.22 -0.95 -19.46
N THR E 137 20.41 -0.81 -20.51
CA THR E 137 20.47 -1.73 -21.64
C THR E 137 21.87 -1.77 -22.25
N PRO E 138 22.47 -2.97 -22.31
CA PRO E 138 23.75 -3.14 -23.00
C PRO E 138 23.59 -2.83 -24.48
N ASP E 139 24.60 -2.21 -25.10
CA ASP E 139 24.50 -1.80 -26.50
C ASP E 139 24.70 -2.95 -27.47
N GLY F 6 -41.16 9.69 -1.68
CA GLY F 6 -39.99 8.85 -1.58
C GLY F 6 -38.80 9.57 -0.96
N ASN F 7 -37.91 8.82 -0.32
CA ASN F 7 -36.78 9.41 0.37
C ASN F 7 -35.41 8.87 -0.06
N ARG F 8 -35.40 7.93 -1.00
CA ARG F 8 -34.14 7.41 -1.53
C ARG F 8 -33.47 8.53 -2.32
N PHE F 9 -32.15 8.46 -2.46
CA PHE F 9 -31.40 9.57 -3.06
C PHE F 9 -31.92 10.03 -4.43
N TRP F 10 -32.28 9.07 -5.29
CA TRP F 10 -32.78 9.43 -6.62
C TRP F 10 -34.16 10.10 -6.54
N GLU F 11 -34.81 9.99 -5.38
CA GLU F 11 -36.14 10.57 -5.19
C GLU F 11 -36.13 11.91 -4.45
N ALA F 12 -35.04 12.21 -3.74
CA ALA F 12 -34.96 13.44 -2.94
C ALA F 12 -35.10 14.70 -3.78
N ARG F 13 -35.87 15.66 -3.30
CA ARG F 13 -36.09 16.89 -4.05
C ARG F 13 -36.30 18.10 -3.14
N SER F 14 -36.00 19.30 -3.66
CA SER F 14 -36.15 20.54 -2.89
C SER F 14 -37.62 20.94 -2.72
N SER F 15 -37.84 22.00 -1.94
CA SER F 15 -39.19 22.50 -1.70
C SER F 15 -39.65 23.42 -2.81
N HIS F 16 -38.89 23.49 -3.90
CA HIS F 16 -39.30 24.26 -5.06
C HIS F 16 -40.10 23.38 -6.03
N GLY F 17 -40.09 22.07 -5.79
CA GLY F 17 -40.94 21.15 -6.51
C GLY F 17 -40.47 20.75 -7.90
N ARG F 18 -41.43 20.44 -8.77
CA ARG F 18 -41.13 19.94 -10.11
C ARG F 18 -40.70 21.04 -11.07
N ASN F 19 -39.54 20.85 -11.70
CA ASN F 19 -39.04 21.74 -12.77
C ASN F 19 -39.11 23.24 -12.52
N PRO F 20 -38.59 23.69 -11.37
CA PRO F 20 -38.65 25.11 -11.03
C PRO F 20 -37.85 25.94 -12.03
N LYS F 21 -38.42 27.03 -12.51
CA LYS F 21 -37.71 27.89 -13.46
C LYS F 21 -37.06 29.06 -12.72
N PHE F 22 -35.83 28.85 -12.28
CA PHE F 22 -35.15 29.87 -11.47
C PHE F 22 -34.72 31.17 -12.12
N GLU F 23 -35.31 32.25 -11.62
CA GLU F 23 -35.07 33.59 -12.13
C GLU F 23 -34.70 34.56 -11.04
N SER F 24 -33.87 34.10 -10.13
CA SER F 24 -33.41 34.94 -9.06
C SER F 24 -32.12 34.29 -8.51
N PRO F 25 -31.23 35.09 -7.90
CA PRO F 25 -30.01 34.55 -7.26
C PRO F 25 -30.40 33.98 -5.91
N GLU F 26 -31.18 34.73 -5.15
CA GLU F 26 -31.57 34.30 -3.81
C GLU F 26 -32.33 32.96 -3.85
N ALA F 27 -33.38 32.89 -4.67
CA ALA F 27 -34.14 31.65 -4.80
C ALA F 27 -33.23 30.47 -5.14
N LEU F 28 -32.29 30.70 -6.06
CA LEU F 28 -31.38 29.65 -6.49
C LEU F 28 -30.44 29.25 -5.37
N TRP F 29 -29.83 30.23 -4.71
CA TRP F 29 -28.93 29.95 -3.60
C TRP F 29 -29.66 29.25 -2.47
N ALA F 30 -30.90 29.68 -2.23
CA ALA F 30 -31.73 29.06 -1.21
C ALA F 30 -31.92 27.58 -1.53
N ALA F 31 -32.17 27.29 -2.80
CA ALA F 31 -32.38 25.92 -3.24
C ALA F 31 -31.09 25.12 -3.04
N CYS F 32 -29.97 25.69 -3.46
CA CYS F 32 -28.67 25.03 -3.29
C CYS F 32 -28.40 24.67 -1.83
N CYS F 33 -28.74 25.59 -0.92
CA CYS F 33 -28.54 25.33 0.50
C CYS F 33 -29.41 24.19 0.99
N GLU F 34 -30.62 24.06 0.44
CA GLU F 34 -31.48 22.92 0.78
C GLU F 34 -30.77 21.63 0.44
N TYR F 35 -30.06 21.63 -0.70
CA TYR F 35 -29.34 20.44 -1.11
C TYR F 35 -28.19 20.16 -0.15
N PHE F 36 -27.42 21.21 0.17
CA PHE F 36 -26.29 21.04 1.09
C PHE F 36 -26.79 20.49 2.41
N GLU F 37 -27.95 20.96 2.86
CA GLU F 37 -28.49 20.52 4.14
C GLU F 37 -28.99 19.09 4.06
N TRP F 38 -29.63 18.74 2.95
CA TRP F 38 -30.03 17.34 2.74
C TRP F 38 -28.83 16.40 2.75
N VAL F 39 -27.76 16.79 2.06
CA VAL F 39 -26.55 15.98 2.07
C VAL F 39 -26.04 15.73 3.49
N GLU F 40 -25.99 16.80 4.30
CA GLU F 40 -25.53 16.66 5.68
C GLU F 40 -26.46 15.80 6.51
N ALA F 41 -27.75 15.88 6.22
CA ALA F 41 -28.76 15.13 6.95
C ALA F 41 -28.83 13.68 6.50
N ASN F 42 -28.15 13.35 5.39
CA ASN F 42 -28.27 12.02 4.80
C ASN F 42 -26.95 11.31 4.54
N PRO F 43 -26.20 11.04 5.60
CA PRO F 43 -24.96 10.30 5.46
C PRO F 43 -25.24 8.88 4.97
N LEU F 44 -24.24 8.20 4.44
CA LEU F 44 -24.38 6.79 4.12
C LEU F 44 -24.08 6.03 5.42
N TRP F 45 -24.34 4.72 5.42
CA TRP F 45 -24.24 3.94 6.64
C TRP F 45 -23.40 2.68 6.48
N GLU F 46 -22.48 2.49 7.41
CA GLU F 46 -21.64 1.31 7.42
C GLU F 46 -22.07 0.46 8.62
N MET F 47 -22.56 -0.75 8.36
CA MET F 47 -22.95 -1.63 9.47
C MET F 47 -21.70 -2.10 10.22
N LYS F 48 -21.78 -2.12 11.54
CA LYS F 48 -20.70 -2.65 12.36
C LYS F 48 -21.32 -3.60 13.38
N ALA F 49 -20.61 -4.67 13.71
CA ALA F 49 -21.15 -5.63 14.69
C ALA F 49 -20.30 -5.71 15.96
N PHE F 50 -20.98 -5.98 17.08
CA PHE F 50 -20.34 -6.10 18.38
C PHE F 50 -20.87 -7.37 19.06
N SER F 51 -20.05 -8.01 19.87
CA SER F 51 -20.48 -9.19 20.61
C SER F 51 -20.54 -8.92 22.10
N TYR F 52 -21.60 -9.39 22.74
CA TYR F 52 -21.71 -9.29 24.20
C TYR F 52 -22.37 -10.53 24.78
N GLN F 53 -21.66 -11.21 25.65
CA GLN F 53 -22.17 -12.41 26.31
C GLN F 53 -22.88 -13.35 25.32
N GLY F 54 -22.27 -13.54 24.16
CA GLY F 54 -22.73 -14.55 23.22
C GLY F 54 -23.88 -14.12 22.33
N GLU F 55 -24.21 -12.83 22.34
CA GLU F 55 -25.19 -12.30 21.38
C GLU F 55 -24.56 -11.19 20.56
N VAL F 56 -24.72 -11.27 19.25
CA VAL F 56 -24.17 -10.26 18.36
C VAL F 56 -25.14 -9.09 18.25
N ILE F 57 -24.60 -7.87 18.30
CA ILE F 57 -25.38 -6.64 18.20
C ILE F 57 -24.87 -5.82 17.02
N GLN F 58 -25.76 -5.22 16.24
CA GLN F 58 -25.32 -4.44 15.08
C GLN F 58 -25.91 -3.04 15.01
N GLU F 59 -25.03 -2.06 14.78
CA GLU F 59 -25.48 -0.70 14.54
C GLU F 59 -24.49 0.00 13.60
N PRO F 60 -24.99 0.89 12.74
CA PRO F 60 -24.11 1.49 11.74
C PRO F 60 -23.48 2.79 12.20
N ILE F 61 -22.36 3.14 11.59
CA ILE F 61 -21.82 4.47 11.77
C ILE F 61 -22.02 5.24 10.48
N ALA F 62 -22.22 6.55 10.64
CA ALA F 62 -22.51 7.41 9.51
C ALA F 62 -21.24 7.69 8.72
N LYS F 63 -21.38 7.70 7.40
CA LYS F 63 -20.28 8.02 6.51
C LYS F 63 -20.69 9.22 5.69
N MET F 64 -19.77 10.14 5.52
CA MET F 64 -20.07 11.37 4.79
C MET F 64 -20.53 11.10 3.35
N ARG F 65 -21.60 11.79 2.94
CA ARG F 65 -22.03 11.76 1.55
C ARG F 65 -21.34 12.87 0.76
N ALA F 66 -20.63 12.51 -0.30
CA ALA F 66 -19.97 13.50 -1.14
C ALA F 66 -20.99 14.34 -1.92
N MET F 67 -20.81 15.66 -1.91
CA MET F 67 -21.61 16.52 -2.78
C MET F 67 -21.18 16.43 -4.23
N THR F 68 -22.14 16.49 -5.14
CA THR F 68 -21.83 16.56 -6.56
C THR F 68 -22.72 17.52 -7.29
N ILE F 69 -22.24 18.06 -8.40
CA ILE F 69 -23.05 18.95 -9.20
C ILE F 69 -24.26 18.20 -9.74
N THR F 70 -24.05 16.94 -10.10
CA THR F 70 -25.15 16.11 -10.58
C THR F 70 -26.21 15.92 -9.49
N GLY F 71 -25.75 15.67 -8.28
CA GLY F 71 -26.63 15.50 -7.13
C GLY F 71 -27.45 16.75 -6.86
N LEU F 72 -26.80 17.91 -6.95
CA LEU F 72 -27.48 19.18 -6.70
C LEU F 72 -28.57 19.44 -7.74
N THR F 73 -28.21 19.36 -9.01
CA THR F 73 -29.19 19.64 -10.07
C THR F 73 -30.35 18.67 -9.97
N LEU F 74 -30.03 17.41 -9.68
CA LEU F 74 -31.03 16.37 -9.48
C LEU F 74 -31.99 16.73 -8.35
N PHE F 75 -31.44 17.28 -7.27
CA PHE F 75 -32.22 17.63 -6.09
C PHE F 75 -33.11 18.86 -6.33
N ILE F 76 -32.59 19.86 -7.01
CA ILE F 76 -33.38 21.06 -7.27
C ILE F 76 -34.23 20.91 -8.55
N ASP F 77 -34.15 19.73 -9.15
CA ASP F 77 -34.97 19.36 -10.30
C ASP F 77 -34.76 20.21 -11.54
N VAL F 78 -33.51 20.57 -11.82
CA VAL F 78 -33.17 21.20 -13.10
C VAL F 78 -32.21 20.28 -13.83
N THR F 79 -32.21 20.34 -15.16
CA THR F 79 -31.28 19.52 -15.93
C THR F 79 -29.89 20.13 -15.85
N LEU F 80 -28.89 19.36 -16.24
CA LEU F 80 -27.52 19.90 -16.33
C LEU F 80 -27.50 21.01 -17.39
N GLU F 81 -28.26 20.83 -18.45
CA GLU F 81 -28.40 21.85 -19.48
C GLU F 81 -28.85 23.16 -18.87
N THR F 82 -29.96 23.13 -18.13
CA THR F 82 -30.48 24.31 -17.46
C THR F 82 -29.44 24.92 -16.50
N TRP F 83 -28.68 24.07 -15.82
CA TRP F 83 -27.65 24.53 -14.90
C TRP F 83 -26.56 25.30 -15.63
N ARG F 84 -26.11 24.77 -16.76
CA ARG F 84 -25.13 25.49 -17.58
C ARG F 84 -25.69 26.84 -17.99
N THR F 85 -26.99 26.87 -18.26
CA THR F 85 -27.65 28.09 -18.72
C THR F 85 -27.47 29.19 -17.70
N TYR F 86 -27.57 28.83 -16.43
CA TYR F 86 -27.39 29.78 -15.34
C TYR F 86 -26.05 30.51 -15.46
N ARG F 87 -25.07 29.84 -16.05
CA ARG F 87 -23.76 30.45 -16.26
C ARG F 87 -23.87 31.75 -17.03
N LEU F 88 -24.79 31.82 -18.00
CA LEU F 88 -24.96 33.00 -18.88
C LEU F 88 -25.31 34.34 -18.24
N ARG F 89 -26.36 34.35 -17.42
CA ARG F 89 -26.73 35.53 -16.65
C ARG F 89 -25.94 35.64 -15.35
N GLU F 90 -25.39 36.82 -15.08
CA GLU F 90 -24.46 36.98 -13.96
C GLU F 90 -25.11 36.93 -12.59
N ASP F 91 -26.36 37.37 -12.52
CA ASP F 91 -27.13 37.23 -11.29
C ASP F 91 -26.93 35.81 -10.80
N LEU F 92 -27.33 34.86 -11.64
CA LEU F 92 -27.25 33.44 -11.32
C LEU F 92 -25.81 32.95 -11.31
N SER F 93 -25.00 33.47 -12.24
CA SER F 93 -23.65 32.99 -12.42
C SER F 93 -22.84 33.02 -11.12
N GLU F 94 -22.99 34.07 -10.34
CA GLU F 94 -22.26 34.18 -9.08
C GLU F 94 -22.72 33.11 -8.08
N VAL F 95 -24.01 32.81 -8.08
CA VAL F 95 -24.55 31.76 -7.22
C VAL F 95 -24.05 30.38 -7.65
N VAL F 96 -24.02 30.16 -8.96
CA VAL F 96 -23.52 28.89 -9.49
C VAL F 96 -22.08 28.65 -9.06
N THR F 97 -21.24 29.67 -9.25
CA THR F 97 -19.84 29.60 -8.88
C THR F 97 -19.69 29.34 -7.39
N ARG F 98 -20.46 30.07 -6.60
CA ARG F 98 -20.45 29.90 -5.16
C ARG F 98 -20.81 28.47 -4.78
N ALA F 99 -21.86 27.93 -5.39
CA ALA F 99 -22.32 26.59 -5.08
C ALA F 99 -21.29 25.55 -5.48
N GLU F 100 -20.71 25.70 -6.67
CA GLU F 100 -19.68 24.78 -7.12
C GLU F 100 -18.43 24.82 -6.24
N GLN F 101 -18.09 26.00 -5.74
CA GLN F 101 -16.98 26.10 -4.79
C GLN F 101 -17.30 25.37 -3.49
N VAL F 102 -18.53 25.47 -3.04
CA VAL F 102 -18.95 24.75 -1.83
C VAL F 102 -18.84 23.24 -2.02
N ILE F 103 -19.31 22.76 -3.17
CA ILE F 103 -19.24 21.32 -3.49
C ILE F 103 -17.78 20.88 -3.50
N TYR F 104 -16.93 21.65 -4.15
CA TYR F 104 -15.52 21.29 -4.26
C TYR F 104 -14.88 21.21 -2.90
N ASP F 105 -15.12 22.23 -2.06
CA ASP F 105 -14.49 22.30 -0.75
C ASP F 105 -15.02 21.26 0.20
N GLN F 106 -16.29 20.91 0.06
CA GLN F 106 -16.85 19.86 0.91
C GLN F 106 -16.09 18.56 0.66
N LYS F 107 -15.90 18.20 -0.61
CA LYS F 107 -15.20 16.96 -0.94
C LYS F 107 -13.72 17.07 -0.59
N PHE F 108 -13.12 18.22 -0.86
CA PHE F 108 -11.70 18.40 -0.60
C PHE F 108 -11.40 18.26 0.88
N SER F 109 -12.15 18.96 1.72
CA SER F 109 -11.89 18.87 3.16
C SER F 109 -12.27 17.48 3.70
N GLY F 110 -13.31 16.87 3.18
CA GLY F 110 -13.70 15.55 3.63
C GLY F 110 -12.61 14.53 3.35
N ALA F 111 -12.04 14.60 2.15
CA ALA F 111 -10.97 13.71 1.73
C ALA F 111 -9.71 13.97 2.53
N ALA F 112 -9.40 15.25 2.75
CA ALA F 112 -8.23 15.62 3.53
C ALA F 112 -8.34 15.06 4.96
N ALA F 113 -9.57 14.90 5.44
CA ALA F 113 -9.81 14.39 6.79
C ALA F 113 -10.02 12.87 6.79
N ASP F 114 -9.90 12.26 5.62
CA ASP F 114 -10.08 10.82 5.43
C ASP F 114 -11.51 10.37 5.70
N LEU F 115 -12.43 11.32 5.71
CA LEU F 115 -13.84 10.98 5.89
C LEU F 115 -14.43 10.58 4.55
N LEU F 116 -13.76 10.95 3.47
CA LEU F 116 -14.09 10.50 2.12
C LEU F 116 -12.84 9.85 1.53
N ASN F 117 -13.01 8.89 0.63
CA ASN F 117 -11.86 8.25 0.03
C ASN F 117 -10.98 9.21 -0.75
N ALA F 118 -9.72 9.32 -0.35
CA ALA F 118 -8.84 10.33 -0.93
C ALA F 118 -8.63 10.16 -2.42
N ASN F 119 -8.40 8.94 -2.89
CA ASN F 119 -8.12 8.83 -4.32
C ASN F 119 -9.34 9.01 -5.21
N ILE F 120 -10.50 8.53 -4.77
CA ILE F 120 -11.74 8.80 -5.51
C ILE F 120 -11.94 10.31 -5.64
N ILE F 121 -11.76 11.03 -4.53
CA ILE F 121 -11.97 12.47 -4.52
C ILE F 121 -10.90 13.20 -5.34
N ALA F 122 -9.65 12.76 -5.24
CA ALA F 122 -8.59 13.40 -6.01
C ALA F 122 -8.90 13.32 -7.51
N ARG F 123 -9.40 12.17 -7.96
CA ARG F 123 -9.75 12.00 -9.37
C ARG F 123 -10.93 12.91 -9.73
N ASP F 124 -11.93 12.93 -8.86
CA ASP F 124 -13.13 13.76 -9.06
C ASP F 124 -12.81 15.25 -9.16
N LEU F 125 -11.95 15.75 -8.26
CA LEU F 125 -11.63 17.16 -8.23
C LEU F 125 -10.62 17.52 -9.32
N GLY F 126 -10.00 16.50 -9.91
CA GLY F 126 -8.97 16.74 -10.90
C GLY F 126 -7.66 17.26 -10.30
N LEU F 127 -7.36 16.81 -9.08
CA LEU F 127 -6.08 17.16 -8.46
C LEU F 127 -4.98 16.34 -9.13
N LYS F 128 -3.93 17.00 -9.59
CA LYS F 128 -2.92 16.34 -10.44
C LYS F 128 -1.67 15.91 -9.67
N GLU F 129 -1.06 14.80 -10.09
CA GLU F 129 0.26 14.47 -9.58
C GLU F 129 1.30 15.14 -10.45
N GLN F 130 2.21 15.87 -9.83
CA GLN F 130 3.27 16.55 -10.56
C GLN F 130 4.60 15.87 -10.27
N SER F 131 5.39 15.66 -11.32
CA SER F 131 6.67 14.97 -11.15
C SER F 131 7.75 15.55 -12.06
N GLN F 132 9.01 15.32 -11.68
CA GLN F 132 10.15 15.74 -12.45
C GLN F 132 11.05 14.54 -12.61
N VAL F 133 11.45 14.26 -13.85
CA VAL F 133 12.25 13.06 -14.12
C VAL F 133 13.53 13.43 -14.86
N GLU F 134 14.66 12.98 -14.33
CA GLU F 134 15.94 13.18 -15.00
C GLU F 134 16.46 11.87 -15.57
N ASP F 135 16.78 11.88 -16.85
CA ASP F 135 17.46 10.76 -17.50
C ASP F 135 18.94 10.86 -17.15
N VAL F 136 19.43 9.93 -16.34
CA VAL F 136 20.82 9.97 -15.90
C VAL F 136 21.68 8.95 -16.64
N THR F 137 21.15 8.43 -17.75
CA THR F 137 21.90 7.54 -18.61
C THR F 137 23.17 8.22 -19.10
N PRO F 138 24.32 7.63 -18.80
CA PRO F 138 25.63 8.09 -19.30
C PRO F 138 25.66 8.24 -20.81
N ASP F 139 26.61 9.05 -21.28
CA ASP F 139 26.79 9.32 -22.70
C ASP F 139 28.00 10.21 -22.88
N ASN G 7 -28.88 -16.12 -2.29
CA ASN G 7 -29.60 -14.93 -2.73
C ASN G 7 -30.13 -15.07 -4.14
N ARG G 8 -29.41 -15.80 -4.98
CA ARG G 8 -29.85 -16.05 -6.35
C ARG G 8 -30.23 -14.73 -7.04
N PHE G 9 -29.30 -13.79 -7.09
CA PHE G 9 -29.57 -12.47 -7.66
C PHE G 9 -30.01 -12.59 -9.13
N TRP G 10 -29.55 -13.64 -9.80
CA TRP G 10 -29.89 -13.87 -11.20
C TRP G 10 -31.35 -14.27 -11.36
N GLU G 11 -32.04 -14.47 -10.23
CA GLU G 11 -33.45 -14.81 -10.25
C GLU G 11 -34.35 -13.61 -9.99
N ALA G 12 -33.77 -12.52 -9.49
CA ALA G 12 -34.55 -11.33 -9.18
C ALA G 12 -35.12 -10.72 -10.45
N ARG G 13 -36.40 -10.38 -10.41
CA ARG G 13 -37.06 -9.87 -11.61
C ARG G 13 -38.12 -8.81 -11.25
N SER G 14 -38.16 -7.74 -12.03
CA SER G 14 -39.16 -6.69 -11.87
C SER G 14 -40.57 -7.25 -12.09
N SER G 15 -41.58 -6.52 -11.65
CA SER G 15 -42.97 -6.94 -11.82
C SER G 15 -43.43 -6.88 -13.27
N HIS G 16 -42.56 -6.42 -14.18
CA HIS G 16 -42.93 -6.31 -15.59
C HIS G 16 -42.81 -7.62 -16.36
N GLY G 17 -42.42 -8.68 -15.66
CA GLY G 17 -42.44 -10.01 -16.24
C GLY G 17 -41.26 -10.39 -17.11
N ARG G 18 -41.49 -11.38 -17.96
CA ARG G 18 -40.44 -11.96 -18.80
C ARG G 18 -40.34 -11.25 -20.15
N ASN G 19 -39.12 -10.94 -20.57
CA ASN G 19 -38.88 -10.26 -21.84
C ASN G 19 -39.89 -9.16 -22.12
N PRO G 20 -40.08 -8.24 -21.18
CA PRO G 20 -41.07 -7.19 -21.42
C PRO G 20 -40.70 -6.36 -22.64
N LYS G 21 -41.69 -5.82 -23.32
CA LYS G 21 -41.47 -4.99 -24.49
C LYS G 21 -41.88 -3.56 -24.15
N PHE G 22 -40.95 -2.80 -23.58
CA PHE G 22 -41.25 -1.45 -23.11
C PHE G 22 -41.59 -0.53 -24.27
N GLU G 23 -42.67 0.23 -24.11
CA GLU G 23 -43.13 1.14 -25.14
C GLU G 23 -43.55 2.48 -24.55
N SER G 24 -43.29 2.66 -23.25
CA SER G 24 -43.65 3.88 -22.53
C SER G 24 -42.51 4.24 -21.58
N PRO G 25 -42.17 5.54 -21.49
CA PRO G 25 -41.05 5.91 -20.61
C PRO G 25 -41.43 5.75 -19.14
N GLU G 26 -42.68 5.98 -18.78
CA GLU G 26 -43.06 5.78 -17.39
C GLU G 26 -42.98 4.29 -17.00
N ALA G 27 -43.27 3.40 -17.95
CA ALA G 27 -43.19 1.95 -17.70
C ALA G 27 -41.74 1.51 -17.51
N LEU G 28 -40.86 1.95 -18.40
CA LEU G 28 -39.45 1.68 -18.25
C LEU G 28 -38.88 2.29 -16.95
N TRP G 29 -39.23 3.53 -16.67
CA TRP G 29 -38.72 4.16 -15.45
C TRP G 29 -39.20 3.42 -14.19
N ALA G 30 -40.46 3.02 -14.18
CA ALA G 30 -41.00 2.29 -13.04
C ALA G 30 -40.22 0.97 -12.82
N ALA G 31 -39.91 0.27 -13.91
CA ALA G 31 -39.11 -0.94 -13.84
C ALA G 31 -37.70 -0.63 -13.33
N CYS G 32 -37.08 0.44 -13.83
CA CYS G 32 -35.76 0.83 -13.34
C CYS G 32 -35.81 1.14 -11.85
N CYS G 33 -36.88 1.80 -11.41
CA CYS G 33 -36.99 2.14 -10.00
C CYS G 33 -37.15 0.91 -9.11
N GLU G 34 -37.79 -0.13 -9.62
CA GLU G 34 -37.88 -1.38 -8.88
C GLU G 34 -36.50 -1.99 -8.73
N TYR G 35 -35.65 -1.84 -9.74
CA TYR G 35 -34.28 -2.33 -9.60
C TYR G 35 -33.52 -1.56 -8.52
N PHE G 36 -33.59 -0.23 -8.57
CA PHE G 36 -32.90 0.62 -7.59
C PHE G 36 -33.31 0.23 -6.18
N GLU G 37 -34.61 0.09 -5.96
CA GLU G 37 -35.10 -0.29 -4.65
C GLU G 37 -34.63 -1.69 -4.28
N TRP G 38 -34.67 -2.61 -5.24
CA TRP G 38 -34.18 -3.96 -4.97
C TRP G 38 -32.72 -3.96 -4.48
N VAL G 39 -31.86 -3.24 -5.18
CA VAL G 39 -30.46 -3.11 -4.75
C VAL G 39 -30.34 -2.54 -3.33
N GLU G 40 -31.02 -1.44 -3.05
CA GLU G 40 -30.88 -0.80 -1.74
C GLU G 40 -31.43 -1.72 -0.65
N ALA G 41 -32.36 -2.58 -1.03
CA ALA G 41 -33.05 -3.45 -0.07
C ALA G 41 -32.38 -4.80 0.07
N ASN G 42 -31.47 -5.13 -0.84
CA ASN G 42 -30.79 -6.42 -0.83
C ASN G 42 -29.27 -6.33 -0.77
N PRO G 43 -28.75 -5.95 0.39
CA PRO G 43 -27.29 -5.86 0.54
C PRO G 43 -26.64 -7.22 0.34
N LEU G 44 -25.32 -7.19 0.11
CA LEU G 44 -24.52 -8.42 0.15
C LEU G 44 -24.29 -8.73 1.63
N TRP G 45 -23.88 -9.96 1.93
CA TRP G 45 -23.70 -10.36 3.32
C TRP G 45 -22.34 -10.99 3.53
N GLU G 46 -21.58 -10.46 4.50
CA GLU G 46 -20.29 -11.02 4.87
C GLU G 46 -20.35 -11.75 6.20
N MET G 47 -19.85 -12.99 6.25
CA MET G 47 -19.82 -13.72 7.49
C MET G 47 -18.65 -13.23 8.34
N LYS G 48 -18.94 -12.92 9.59
CA LYS G 48 -17.94 -12.48 10.56
C LYS G 48 -18.04 -13.35 11.80
N ALA G 49 -16.90 -13.65 12.42
CA ALA G 49 -16.86 -14.47 13.62
C ALA G 49 -16.68 -13.67 14.89
N PHE G 50 -17.30 -14.14 15.96
CA PHE G 50 -17.19 -13.49 17.26
C PHE G 50 -17.01 -14.57 18.30
N SER G 51 -16.26 -14.25 19.35
CA SER G 51 -16.07 -15.22 20.43
C SER G 51 -16.32 -14.59 21.81
N TYR G 52 -16.67 -15.44 22.76
CA TYR G 52 -16.94 -15.00 24.12
C TYR G 52 -16.52 -16.09 25.11
N GLN G 53 -15.53 -15.78 25.93
CA GLN G 53 -15.04 -16.72 26.92
C GLN G 53 -14.84 -18.13 26.34
N GLY G 54 -14.37 -18.22 25.10
CA GLY G 54 -14.04 -19.50 24.51
C GLY G 54 -15.11 -20.11 23.65
N GLU G 55 -16.20 -19.38 23.42
CA GLU G 55 -17.24 -19.84 22.51
C GLU G 55 -17.33 -18.92 21.29
N VAL G 56 -17.55 -19.51 20.12
CA VAL G 56 -17.54 -18.73 18.88
C VAL G 56 -18.91 -18.72 18.19
N ILE G 57 -19.27 -17.56 17.65
CA ILE G 57 -20.53 -17.36 16.97
C ILE G 57 -20.28 -16.63 15.66
N GLN G 58 -21.05 -16.97 14.63
CA GLN G 58 -20.92 -16.27 13.37
C GLN G 58 -22.19 -15.51 13.05
N GLU G 59 -22.02 -14.40 12.35
CA GLU G 59 -23.13 -13.54 12.03
C GLU G 59 -22.83 -12.86 10.71
N PRO G 60 -23.84 -12.76 9.84
CA PRO G 60 -23.65 -12.05 8.59
C PRO G 60 -23.82 -10.56 8.81
N ILE G 61 -22.97 -9.77 8.19
CA ILE G 61 -23.05 -8.32 8.26
C ILE G 61 -23.31 -7.75 6.88
N ALA G 62 -24.26 -6.81 6.79
CA ALA G 62 -24.69 -6.28 5.50
C ALA G 62 -23.65 -5.38 4.85
N LYS G 63 -23.45 -5.54 3.54
CA LYS G 63 -22.48 -4.75 2.78
C LYS G 63 -23.17 -4.15 1.56
N MET G 64 -22.74 -2.96 1.15
CA MET G 64 -23.41 -2.27 0.06
C MET G 64 -23.29 -3.00 -1.27
N ARG G 65 -24.42 -3.19 -1.94
CA ARG G 65 -24.44 -3.77 -3.28
C ARG G 65 -24.34 -2.67 -4.32
N ALA G 66 -23.35 -2.76 -5.18
CA ALA G 66 -23.19 -1.77 -6.24
C ALA G 66 -24.25 -1.95 -7.35
N MET G 67 -24.89 -0.86 -7.75
CA MET G 67 -25.79 -0.87 -8.90
C MET G 67 -24.97 -0.99 -10.19
N THR G 68 -25.46 -1.75 -11.16
CA THR G 68 -24.79 -1.83 -12.46
C THR G 68 -25.80 -1.86 -13.60
N ILE G 69 -25.39 -1.45 -14.79
CA ILE G 69 -26.28 -1.51 -15.93
C ILE G 69 -26.63 -2.97 -16.27
N THR G 70 -25.64 -3.85 -16.19
CA THR G 70 -25.89 -5.27 -16.43
C THR G 70 -26.84 -5.85 -15.39
N GLY G 71 -26.71 -5.41 -14.14
CA GLY G 71 -27.62 -5.83 -13.10
C GLY G 71 -29.03 -5.34 -13.36
N LEU G 72 -29.14 -4.07 -13.74
CA LEU G 72 -30.44 -3.50 -14.11
C LEU G 72 -31.10 -4.32 -15.22
N THR G 73 -30.39 -4.55 -16.33
CA THR G 73 -31.00 -5.24 -17.47
C THR G 73 -31.39 -6.68 -17.12
N LEU G 74 -30.55 -7.36 -16.35
CA LEU G 74 -30.90 -8.70 -15.86
C LEU G 74 -32.22 -8.64 -15.08
N PHE G 75 -32.35 -7.64 -14.21
CA PHE G 75 -33.50 -7.50 -13.33
C PHE G 75 -34.80 -7.16 -14.05
N ILE G 76 -34.73 -6.28 -15.04
CA ILE G 76 -35.95 -5.96 -15.80
C ILE G 76 -36.12 -6.93 -16.97
N ASP G 77 -35.14 -7.82 -17.13
CA ASP G 77 -35.19 -8.92 -18.07
C ASP G 77 -35.17 -8.49 -19.54
N VAL G 78 -34.29 -7.55 -19.88
CA VAL G 78 -34.00 -7.27 -21.28
C VAL G 78 -32.53 -7.51 -21.48
N THR G 79 -32.11 -7.85 -22.69
CA THR G 79 -30.68 -7.98 -22.92
C THR G 79 -30.00 -6.61 -22.85
N LEU G 80 -28.70 -6.62 -22.61
CA LEU G 80 -27.91 -5.40 -22.60
C LEU G 80 -28.02 -4.71 -23.96
N GLU G 81 -28.09 -5.50 -25.02
CA GLU G 81 -28.16 -4.95 -26.37
C GLU G 81 -29.51 -4.29 -26.61
N THR G 82 -30.56 -4.82 -26.01
CA THR G 82 -31.87 -4.18 -26.12
C THR G 82 -31.81 -2.83 -25.44
N TRP G 83 -31.19 -2.81 -24.26
CA TRP G 83 -31.08 -1.58 -23.46
C TRP G 83 -30.31 -0.52 -24.24
N ARG G 84 -29.25 -0.93 -24.94
CA ARG G 84 -28.52 0.00 -25.78
C ARG G 84 -29.41 0.56 -26.89
N THR G 85 -30.32 -0.28 -27.37
CA THR G 85 -31.29 0.15 -28.38
C THR G 85 -32.18 1.28 -27.86
N TYR G 86 -32.55 1.21 -26.60
CA TYR G 86 -33.44 2.19 -26.00
C TYR G 86 -32.90 3.63 -26.10
N ARG G 87 -31.58 3.79 -26.16
CA ARG G 87 -30.98 5.13 -26.24
C ARG G 87 -31.33 5.81 -27.56
N LEU G 88 -31.62 5.01 -28.58
CA LEU G 88 -31.94 5.55 -29.89
C LEU G 88 -33.43 5.81 -29.96
N ARG G 89 -34.16 5.39 -28.95
CA ARG G 89 -35.60 5.55 -28.99
C ARG G 89 -36.06 6.88 -28.41
N GLU G 90 -36.78 7.63 -29.23
CA GLU G 90 -37.22 8.95 -28.85
C GLU G 90 -37.95 8.95 -27.51
N ASP G 91 -38.77 7.94 -27.28
CA ASP G 91 -39.60 7.93 -26.08
C ASP G 91 -38.89 7.32 -24.88
N LEU G 92 -37.76 6.67 -25.10
CA LEU G 92 -37.08 5.94 -24.03
C LEU G 92 -35.71 6.48 -23.66
N SER G 93 -35.12 7.27 -24.54
CA SER G 93 -33.73 7.71 -24.38
C SER G 93 -33.48 8.49 -23.10
N GLU G 94 -34.38 9.42 -22.77
CA GLU G 94 -34.25 10.21 -21.55
C GLU G 94 -34.30 9.32 -20.29
N VAL G 95 -35.14 8.29 -20.31
CA VAL G 95 -35.18 7.35 -19.18
C VAL G 95 -33.86 6.57 -19.04
N VAL G 96 -33.27 6.15 -20.15
CA VAL G 96 -31.98 5.45 -20.11
C VAL G 96 -30.92 6.35 -19.48
N THR G 97 -30.87 7.59 -19.94
CA THR G 97 -29.88 8.55 -19.44
C THR G 97 -30.03 8.77 -17.94
N ARG G 98 -31.28 8.93 -17.50
CA ARG G 98 -31.60 9.13 -16.10
C ARG G 98 -31.24 7.93 -15.23
N ALA G 99 -31.57 6.72 -15.72
CA ALA G 99 -31.25 5.50 -14.97
C ALA G 99 -29.75 5.28 -14.88
N GLU G 100 -29.03 5.56 -15.96
CA GLU G 100 -27.58 5.41 -15.92
C GLU G 100 -26.93 6.43 -14.99
N GLN G 101 -27.56 7.59 -14.81
CA GLN G 101 -27.05 8.60 -13.88
C GLN G 101 -27.22 8.15 -12.42
N VAL G 102 -28.37 7.59 -12.11
CA VAL G 102 -28.64 7.05 -10.78
C VAL G 102 -27.62 5.97 -10.41
N ILE G 103 -27.38 5.06 -11.34
CA ILE G 103 -26.39 4.01 -11.14
C ILE G 103 -24.99 4.58 -10.87
N TYR G 104 -24.58 5.53 -11.71
CA TYR G 104 -23.28 6.15 -11.56
C TYR G 104 -23.18 6.82 -10.18
N ASP G 105 -24.22 7.57 -9.82
CA ASP G 105 -24.22 8.36 -8.58
C ASP G 105 -24.17 7.48 -7.34
N GLN G 106 -24.89 6.36 -7.38
CA GLN G 106 -24.88 5.42 -6.27
C GLN G 106 -23.47 4.89 -6.01
N LYS G 107 -22.80 4.46 -7.08
CA LYS G 107 -21.46 3.90 -6.94
C LYS G 107 -20.46 4.98 -6.53
N PHE G 108 -20.59 6.16 -7.09
CA PHE G 108 -19.69 7.24 -6.67
C PHE G 108 -19.79 7.52 -5.18
N SER G 109 -21.02 7.64 -4.69
CA SER G 109 -21.25 7.97 -3.29
C SER G 109 -20.76 6.82 -2.41
N GLY G 110 -20.99 5.59 -2.85
CA GLY G 110 -20.54 4.43 -2.10
C GLY G 110 -19.02 4.39 -1.99
N ALA G 111 -18.33 4.59 -3.12
CA ALA G 111 -16.86 4.59 -3.13
C ALA G 111 -16.31 5.73 -2.30
N ALA G 112 -16.87 6.92 -2.47
CA ALA G 112 -16.38 8.09 -1.72
C ALA G 112 -16.54 7.87 -0.21
N ALA G 113 -17.60 7.17 0.18
CA ALA G 113 -17.89 6.87 1.58
C ALA G 113 -17.12 5.66 2.09
N ASP G 114 -16.25 5.10 1.25
CA ASP G 114 -15.49 3.90 1.61
C ASP G 114 -16.40 2.72 1.94
N LEU G 115 -17.56 2.64 1.30
CA LEU G 115 -18.45 1.51 1.44
C LEU G 115 -18.32 0.61 0.23
N LEU G 116 -17.72 1.13 -0.84
CA LEU G 116 -17.38 0.31 -2.01
C LEU G 116 -15.89 0.46 -2.29
N ASN G 117 -15.27 -0.58 -2.84
CA ASN G 117 -13.83 -0.55 -3.09
C ASN G 117 -13.48 0.58 -4.05
N ALA G 118 -12.56 1.44 -3.64
CA ALA G 118 -12.35 2.69 -4.36
C ALA G 118 -11.85 2.46 -5.78
N ASN G 119 -10.86 1.59 -5.94
CA ASN G 119 -10.26 1.48 -7.25
C ASN G 119 -11.11 0.73 -8.26
N ILE G 120 -11.89 -0.25 -7.79
CA ILE G 120 -12.83 -0.98 -8.65
C ILE G 120 -13.89 -0.03 -9.18
N ILE G 121 -14.38 0.83 -8.29
CA ILE G 121 -15.36 1.83 -8.71
C ILE G 121 -14.77 2.92 -9.60
N ALA G 122 -13.54 3.36 -9.28
CA ALA G 122 -12.91 4.40 -10.09
C ALA G 122 -12.75 3.91 -11.53
N ARG G 123 -12.35 2.66 -11.68
CA ARG G 123 -12.23 2.10 -13.03
C ARG G 123 -13.59 1.99 -13.70
N ASP G 124 -14.58 1.51 -12.95
CA ASP G 124 -15.91 1.33 -13.51
C ASP G 124 -16.53 2.64 -13.99
N LEU G 125 -16.37 3.70 -13.20
CA LEU G 125 -16.94 5.02 -13.52
C LEU G 125 -16.09 5.77 -14.55
N GLY G 126 -14.88 5.30 -14.79
CA GLY G 126 -13.99 5.97 -15.71
C GLY G 126 -13.41 7.25 -15.16
N LEU G 127 -13.19 7.29 -13.85
CA LEU G 127 -12.50 8.44 -13.25
C LEU G 127 -11.02 8.37 -13.60
N LYS G 128 -10.50 9.44 -14.19
CA LYS G 128 -9.13 9.45 -14.69
C LYS G 128 -8.11 10.02 -13.70
N GLU G 129 -6.89 9.48 -13.75
CA GLU G 129 -5.75 10.10 -13.07
C GLU G 129 -5.10 11.09 -14.03
N GLN G 130 -4.87 12.31 -13.57
CA GLN G 130 -4.23 13.33 -14.38
C GLN G 130 -2.86 13.64 -13.78
N SER G 131 -1.85 13.71 -14.63
CA SER G 131 -0.50 13.99 -14.14
C SER G 131 0.20 14.99 -15.04
N GLN G 132 1.23 15.62 -14.50
CA GLN G 132 2.05 16.56 -15.24
C GLN G 132 3.49 16.14 -14.98
N VAL G 133 4.25 15.91 -16.05
CA VAL G 133 5.60 15.37 -15.94
C VAL G 133 6.56 16.31 -16.64
N GLU G 134 7.61 16.72 -15.95
CA GLU G 134 8.64 17.57 -16.54
C GLU G 134 9.92 16.76 -16.68
N ASP G 135 10.48 16.73 -17.89
CA ASP G 135 11.77 16.13 -18.10
C ASP G 135 12.81 17.17 -17.69
N VAL G 136 13.58 16.89 -16.64
CA VAL G 136 14.56 17.84 -16.15
C VAL G 136 15.99 17.46 -16.50
N THR G 137 16.13 16.58 -17.48
CA THR G 137 17.45 16.20 -17.96
C THR G 137 18.20 17.43 -18.48
N PRO G 138 19.40 17.70 -17.92
CA PRO G 138 20.21 18.86 -18.29
C PRO G 138 20.67 18.77 -19.75
N ASP G 139 21.04 19.91 -20.33
CA ASP G 139 21.57 19.93 -21.69
C ASP G 139 22.62 21.02 -21.84
N ARG H 8 -14.81 -30.81 -3.20
CA ARG H 8 -13.91 -31.05 -4.33
C ARG H 8 -14.53 -30.49 -5.59
N PHE H 9 -14.18 -29.24 -5.90
CA PHE H 9 -14.85 -28.52 -6.97
C PHE H 9 -14.73 -29.20 -8.34
N TRP H 10 -13.64 -29.91 -8.57
CA TRP H 10 -13.41 -30.52 -9.87
C TRP H 10 -14.27 -31.76 -10.07
N GLU H 11 -14.99 -32.17 -9.03
CA GLU H 11 -15.86 -33.34 -9.13
C GLU H 11 -17.32 -32.93 -9.30
N ALA H 12 -17.62 -31.69 -8.97
CA ALA H 12 -18.99 -31.20 -9.08
C ALA H 12 -19.48 -31.25 -10.53
N ARG H 13 -20.72 -31.69 -10.72
CA ARG H 13 -21.29 -31.73 -12.07
C ARG H 13 -22.80 -31.50 -12.03
N SER H 14 -23.33 -30.89 -13.08
CA SER H 14 -24.77 -30.62 -13.15
C SER H 14 -25.59 -31.92 -13.27
N SER H 15 -26.90 -31.78 -13.18
CA SER H 15 -27.79 -32.93 -13.28
C SER H 15 -27.92 -33.40 -14.73
N HIS H 16 -27.31 -32.69 -15.66
CA HIS H 16 -27.35 -33.11 -17.06
C HIS H 16 -26.28 -34.15 -17.41
N GLY H 17 -25.52 -34.57 -16.41
CA GLY H 17 -24.60 -35.69 -16.58
C GLY H 17 -23.35 -35.37 -17.38
N ARG H 18 -22.72 -36.40 -17.93
CA ARG H 18 -21.43 -36.25 -18.61
C ARG H 18 -21.54 -35.77 -20.07
N ASN H 19 -20.75 -34.75 -20.40
CA ASN H 19 -20.66 -34.20 -21.76
C ASN H 19 -22.01 -34.07 -22.42
N PRO H 20 -22.94 -33.39 -21.77
CA PRO H 20 -24.30 -33.33 -22.28
C PRO H 20 -24.37 -32.61 -23.62
N LYS H 21 -25.47 -32.86 -24.32
CA LYS H 21 -25.77 -32.18 -25.56
C LYS H 21 -26.92 -31.25 -25.25
N PHE H 22 -26.70 -29.95 -25.41
CA PHE H 22 -27.75 -28.97 -25.20
C PHE H 22 -28.33 -28.52 -26.53
N GLU H 23 -29.62 -28.74 -26.72
CA GLU H 23 -30.28 -28.37 -27.95
C GLU H 23 -31.21 -27.20 -27.68
N SER H 24 -31.69 -27.16 -26.44
CA SER H 24 -32.68 -26.19 -26.00
C SER H 24 -32.02 -25.04 -25.24
N PRO H 25 -32.39 -23.79 -25.57
CA PRO H 25 -31.85 -22.69 -24.76
C PRO H 25 -32.30 -22.82 -23.32
N GLU H 26 -33.54 -23.27 -23.09
CA GLU H 26 -34.00 -23.38 -21.70
C GLU H 26 -33.22 -24.46 -20.93
N ALA H 27 -32.86 -25.53 -21.61
CA ALA H 27 -32.04 -26.57 -20.99
C ALA H 27 -30.66 -26.03 -20.65
N LEU H 28 -30.09 -25.27 -21.57
CA LEU H 28 -28.75 -24.74 -21.36
C LEU H 28 -28.75 -23.76 -20.20
N TRP H 29 -29.73 -22.86 -20.18
CA TRP H 29 -29.84 -21.88 -19.10
C TRP H 29 -30.03 -22.57 -17.76
N ALA H 30 -30.87 -23.61 -17.75
CA ALA H 30 -31.15 -24.36 -16.53
C ALA H 30 -29.87 -24.95 -15.96
N ALA H 31 -29.00 -25.44 -16.85
CA ALA H 31 -27.72 -26.00 -16.44
C ALA H 31 -26.80 -24.92 -15.85
N CYS H 32 -26.78 -23.75 -16.49
CA CYS H 32 -25.97 -22.65 -15.99
C CYS H 32 -26.44 -22.26 -14.60
N CYS H 33 -27.75 -22.21 -14.39
CA CYS H 33 -28.30 -21.85 -13.10
C CYS H 33 -27.92 -22.87 -12.02
N GLU H 34 -27.82 -24.13 -12.39
CA GLU H 34 -27.33 -25.14 -11.44
C GLU H 34 -25.92 -24.79 -11.00
N TYR H 35 -25.11 -24.31 -11.94
CA TYR H 35 -23.76 -23.91 -11.60
C TYR H 35 -23.78 -22.73 -10.64
N PHE H 36 -24.55 -21.69 -10.97
CA PHE H 36 -24.68 -20.52 -10.11
C PHE H 36 -25.11 -20.94 -8.69
N GLU H 37 -26.13 -21.77 -8.59
CA GLU H 37 -26.59 -22.29 -7.30
C GLU H 37 -25.48 -23.06 -6.55
N TRP H 38 -24.71 -23.86 -7.29
CA TRP H 38 -23.63 -24.63 -6.67
C TRP H 38 -22.57 -23.68 -6.07
N VAL H 39 -22.22 -22.63 -6.81
CA VAL H 39 -21.24 -21.66 -6.34
C VAL H 39 -21.72 -21.05 -5.02
N GLU H 40 -22.99 -20.67 -4.96
CA GLU H 40 -23.48 -19.99 -3.78
C GLU H 40 -23.59 -20.91 -2.59
N ALA H 41 -23.76 -22.21 -2.86
CA ALA H 41 -23.86 -23.20 -1.79
C ALA H 41 -22.50 -23.74 -1.39
N ASN H 42 -21.47 -23.35 -2.11
CA ASN H 42 -20.12 -23.87 -1.84
C ASN H 42 -19.07 -22.78 -1.72
N PRO H 43 -19.16 -21.99 -0.64
CA PRO H 43 -18.13 -20.98 -0.41
C PRO H 43 -16.79 -21.64 -0.10
N LEU H 44 -15.72 -20.88 -0.22
CA LEU H 44 -14.43 -21.31 0.28
C LEU H 44 -14.42 -21.04 1.78
N TRP H 45 -13.46 -21.63 2.49
CA TRP H 45 -13.41 -21.51 3.94
C TRP H 45 -12.06 -21.03 4.40
N GLU H 46 -12.07 -20.10 5.34
CA GLU H 46 -10.84 -19.65 5.97
C GLU H 46 -10.84 -20.11 7.41
N MET H 47 -9.76 -20.76 7.84
CA MET H 47 -9.64 -21.12 9.24
C MET H 47 -9.24 -19.89 10.03
N LYS H 48 -9.97 -19.64 11.11
CA LYS H 48 -9.71 -18.49 11.96
C LYS H 48 -9.52 -19.02 13.38
N ALA H 49 -8.49 -18.55 14.07
CA ALA H 49 -8.20 -19.03 15.41
C ALA H 49 -8.57 -18.02 16.48
N PHE H 50 -9.14 -18.52 17.57
CA PHE H 50 -9.53 -17.70 18.70
C PHE H 50 -8.96 -18.34 19.95
N SER H 51 -8.67 -17.55 20.97
CA SER H 51 -8.09 -18.11 22.19
C SER H 51 -8.63 -17.48 23.47
N TYR H 52 -8.74 -18.30 24.52
CA TYR H 52 -9.20 -17.81 25.82
C TYR H 52 -8.75 -18.74 26.93
N GLN H 53 -8.16 -18.15 27.97
CA GLN H 53 -7.72 -18.92 29.13
C GLN H 53 -6.83 -20.12 28.80
N GLY H 54 -6.01 -20.00 27.76
CA GLY H 54 -5.05 -21.06 27.46
C GLY H 54 -5.49 -22.03 26.38
N GLU H 55 -6.77 -22.00 26.04
CA GLU H 55 -7.31 -22.87 25.00
C GLU H 55 -7.35 -22.17 23.65
N VAL H 56 -7.02 -22.89 22.58
CA VAL H 56 -7.16 -22.33 21.24
C VAL H 56 -8.19 -23.11 20.43
N ILE H 57 -9.10 -22.37 19.81
CA ILE H 57 -10.21 -22.95 19.05
C ILE H 57 -10.14 -22.46 17.60
N GLN H 58 -10.36 -23.36 16.65
CA GLN H 58 -10.37 -22.95 15.25
C GLN H 58 -11.77 -23.07 14.64
N GLU H 59 -12.09 -22.08 13.82
CA GLU H 59 -13.43 -21.89 13.31
C GLU H 59 -13.32 -21.58 11.82
N PRO H 60 -14.00 -22.35 10.97
CA PRO H 60 -13.99 -22.03 9.55
C PRO H 60 -14.97 -20.90 9.22
N ILE H 61 -14.55 -19.94 8.40
CA ILE H 61 -15.40 -18.81 8.06
C ILE H 61 -15.61 -18.79 6.56
N ALA H 62 -16.86 -18.62 6.12
CA ALA H 62 -17.17 -18.67 4.70
C ALA H 62 -16.64 -17.45 3.94
N LYS H 63 -16.05 -17.73 2.78
CA LYS H 63 -15.58 -16.70 1.87
C LYS H 63 -16.22 -16.94 0.51
N MET H 64 -16.63 -15.85 -0.13
CA MET H 64 -17.32 -15.94 -1.40
C MET H 64 -16.48 -16.63 -2.47
N ARG H 65 -17.10 -17.56 -3.19
CA ARG H 65 -16.46 -18.20 -4.34
C ARG H 65 -16.77 -17.44 -5.62
N ALA H 66 -15.73 -16.99 -6.32
CA ALA H 66 -15.87 -16.26 -7.57
C ALA H 66 -16.34 -17.16 -8.69
N MET H 67 -17.38 -16.75 -9.40
CA MET H 67 -17.85 -17.51 -10.58
C MET H 67 -16.87 -17.32 -11.72
N THR H 68 -16.71 -18.33 -12.55
CA THR H 68 -15.87 -18.21 -13.73
C THR H 68 -16.48 -19.02 -14.88
N ILE H 69 -16.16 -18.63 -16.11
CA ILE H 69 -16.64 -19.35 -17.28
C ILE H 69 -16.07 -20.78 -17.34
N THR H 70 -14.79 -20.92 -17.03
CA THR H 70 -14.16 -22.24 -16.94
C THR H 70 -14.83 -23.07 -15.85
N GLY H 71 -15.16 -22.43 -14.73
CA GLY H 71 -15.85 -23.13 -13.66
C GLY H 71 -17.21 -23.63 -14.15
N LEU H 72 -17.96 -22.76 -14.81
CA LEU H 72 -19.27 -23.14 -15.34
C LEU H 72 -19.17 -24.31 -16.32
N THR H 73 -18.22 -24.25 -17.25
CA THR H 73 -18.10 -25.29 -18.27
C THR H 73 -17.66 -26.62 -17.70
N LEU H 74 -16.77 -26.57 -16.71
CA LEU H 74 -16.35 -27.78 -15.99
C LEU H 74 -17.56 -28.38 -15.30
N PHE H 75 -18.39 -27.53 -14.69
CA PHE H 75 -19.56 -27.97 -13.96
C PHE H 75 -20.61 -28.61 -14.86
N ILE H 76 -20.94 -27.94 -15.96
CA ILE H 76 -21.90 -28.54 -16.88
C ILE H 76 -21.25 -29.61 -17.78
N ASP H 77 -19.94 -29.78 -17.62
CA ASP H 77 -19.17 -30.81 -18.32
C ASP H 77 -19.08 -30.66 -19.84
N VAL H 78 -18.86 -29.44 -20.32
CA VAL H 78 -18.52 -29.24 -21.73
C VAL H 78 -17.16 -28.55 -21.81
N THR H 79 -16.50 -28.68 -22.95
CA THR H 79 -15.25 -27.97 -23.15
C THR H 79 -15.52 -26.50 -23.43
N LEU H 80 -14.52 -25.65 -23.19
CA LEU H 80 -14.61 -24.24 -23.56
C LEU H 80 -14.88 -24.11 -25.06
N GLU H 81 -14.37 -25.05 -25.85
CA GLU H 81 -14.63 -25.06 -27.27
C GLU H 81 -16.12 -25.24 -27.55
N THR H 82 -16.73 -26.21 -26.88
CA THR H 82 -18.16 -26.44 -27.02
C THR H 82 -18.92 -25.20 -26.63
N TRP H 83 -18.50 -24.58 -25.53
CA TRP H 83 -19.13 -23.36 -25.04
C TRP H 83 -19.10 -22.29 -26.12
N ARG H 84 -17.95 -22.17 -26.77
CA ARG H 84 -17.78 -21.18 -27.82
C ARG H 84 -18.63 -21.51 -29.04
N THR H 85 -18.85 -22.80 -29.26
CA THR H 85 -19.64 -23.25 -30.40
C THR H 85 -21.10 -22.81 -30.29
N TYR H 86 -21.57 -22.61 -29.06
CA TYR H 86 -22.96 -22.21 -28.85
C TYR H 86 -23.26 -20.88 -29.51
N ARG H 87 -22.21 -20.08 -29.73
CA ARG H 87 -22.39 -18.77 -30.38
C ARG H 87 -22.91 -18.89 -31.81
N LEU H 88 -22.75 -20.06 -32.41
CA LEU H 88 -23.16 -20.27 -33.79
C LEU H 88 -24.67 -20.16 -33.98
N ARG H 89 -25.42 -20.49 -32.93
CA ARG H 89 -26.88 -20.40 -32.94
C ARG H 89 -27.36 -19.19 -32.17
N GLU H 90 -28.16 -18.34 -32.82
CA GLU H 90 -28.70 -17.14 -32.17
C GLU H 90 -29.31 -17.50 -30.82
N ASP H 91 -30.09 -18.58 -30.83
CA ASP H 91 -30.71 -19.21 -29.67
C ASP H 91 -29.80 -19.34 -28.46
N LEU H 92 -28.79 -20.16 -28.64
CA LEU H 92 -27.89 -20.47 -27.54
C LEU H 92 -26.98 -19.30 -27.23
N SER H 93 -26.72 -18.48 -28.24
CA SER H 93 -25.79 -17.39 -28.07
C SER H 93 -26.35 -16.43 -27.03
N GLU H 94 -27.67 -16.24 -27.02
CA GLU H 94 -28.29 -15.34 -26.04
C GLU H 94 -28.15 -15.87 -24.63
N VAL H 95 -28.16 -17.18 -24.49
CA VAL H 95 -27.99 -17.82 -23.19
C VAL H 95 -26.55 -17.68 -22.71
N VAL H 96 -25.59 -17.83 -23.63
CA VAL H 96 -24.18 -17.66 -23.32
C VAL H 96 -23.94 -16.23 -22.81
N THR H 97 -24.47 -15.25 -23.53
CA THR H 97 -24.32 -13.85 -23.13
C THR H 97 -24.93 -13.61 -21.74
N ARG H 98 -26.15 -14.12 -21.51
CA ARG H 98 -26.80 -13.98 -20.21
C ARG H 98 -25.97 -14.61 -19.07
N ALA H 99 -25.47 -15.81 -19.31
CA ALA H 99 -24.62 -16.48 -18.33
C ALA H 99 -23.34 -15.71 -18.03
N GLU H 100 -22.65 -15.27 -19.06
CA GLU H 100 -21.40 -14.56 -18.86
C GLU H 100 -21.65 -13.23 -18.15
N GLN H 101 -22.85 -12.69 -18.37
CA GLN H 101 -23.23 -11.44 -17.72
C GLN H 101 -23.47 -11.62 -16.22
N VAL H 102 -24.12 -12.72 -15.86
CA VAL H 102 -24.32 -13.09 -14.45
C VAL H 102 -22.97 -13.29 -13.76
N ILE H 103 -22.08 -14.00 -14.44
CA ILE H 103 -20.73 -14.25 -13.93
C ILE H 103 -19.97 -12.94 -13.68
N TYR H 104 -20.02 -12.05 -14.66
CA TYR H 104 -19.40 -10.71 -14.55
C TYR H 104 -19.92 -9.95 -13.34
N ASP H 105 -21.24 -9.86 -13.22
CA ASP H 105 -21.86 -9.10 -12.15
C ASP H 105 -21.59 -9.67 -10.77
N GLN H 106 -21.53 -11.00 -10.68
CA GLN H 106 -21.29 -11.61 -9.37
C GLN H 106 -19.92 -11.17 -8.87
N LYS H 107 -18.92 -11.23 -9.75
CA LYS H 107 -17.57 -10.85 -9.36
C LYS H 107 -17.43 -9.35 -9.16
N PHE H 108 -18.05 -8.57 -10.04
CA PHE H 108 -18.00 -7.12 -9.87
C PHE H 108 -18.61 -6.71 -8.54
N SER H 109 -19.79 -7.24 -8.21
CA SER H 109 -20.43 -6.81 -6.99
C SER H 109 -19.71 -7.31 -5.73
N GLY H 110 -19.16 -8.52 -5.79
CA GLY H 110 -18.38 -9.05 -4.69
C GLY H 110 -17.12 -8.23 -4.44
N ALA H 111 -16.39 -7.88 -5.51
CA ALA H 111 -15.18 -7.06 -5.41
C ALA H 111 -15.49 -5.65 -4.92
N ALA H 112 -16.58 -5.06 -5.42
CA ALA H 112 -16.94 -3.72 -4.98
C ALA H 112 -17.22 -3.71 -3.49
N ALA H 113 -17.76 -4.80 -2.97
CA ALA H 113 -18.08 -4.87 -1.55
C ALA H 113 -16.92 -5.45 -0.72
N ASP H 114 -15.77 -5.60 -1.37
CA ASP H 114 -14.58 -6.18 -0.74
C ASP H 114 -14.80 -7.58 -0.18
N LEU H 115 -15.75 -8.31 -0.78
CA LEU H 115 -15.92 -9.72 -0.43
C LEU H 115 -15.01 -10.59 -1.32
N LEU H 116 -14.55 -10.01 -2.42
CA LEU H 116 -13.55 -10.62 -3.28
C LEU H 116 -12.40 -9.63 -3.45
N ASN H 117 -11.20 -10.14 -3.66
CA ASN H 117 -10.03 -9.28 -3.85
C ASN H 117 -10.20 -8.37 -5.06
N ALA H 118 -10.20 -7.06 -4.83
CA ALA H 118 -10.56 -6.14 -5.87
C ALA H 118 -9.56 -6.10 -7.01
N ASN H 119 -8.26 -6.19 -6.73
CA ASN H 119 -7.40 -6.00 -7.90
C ASN H 119 -7.35 -7.20 -8.81
N ILE H 120 -7.37 -8.39 -8.24
CA ILE H 120 -7.44 -9.55 -9.11
C ILE H 120 -8.76 -9.63 -9.89
N ILE H 121 -9.87 -9.21 -9.28
CA ILE H 121 -11.13 -9.16 -10.02
C ILE H 121 -11.06 -8.08 -11.11
N ALA H 122 -10.47 -6.93 -10.80
CA ALA H 122 -10.34 -5.86 -11.80
C ALA H 122 -9.64 -6.39 -13.05
N ARG H 123 -8.56 -7.14 -12.85
CA ARG H 123 -7.83 -7.71 -13.97
C ARG H 123 -8.68 -8.74 -14.71
N ASP H 124 -9.39 -9.57 -13.97
CA ASP H 124 -10.21 -10.63 -14.58
C ASP H 124 -11.34 -10.02 -15.42
N LEU H 125 -11.97 -8.96 -14.91
CA LEU H 125 -13.06 -8.29 -15.62
C LEU H 125 -12.58 -7.39 -16.75
N GLY H 126 -11.27 -7.10 -16.77
CA GLY H 126 -10.73 -6.21 -17.78
C GLY H 126 -11.13 -4.75 -17.56
N LEU H 127 -11.26 -4.34 -16.30
CA LEU H 127 -11.54 -2.93 -16.02
C LEU H 127 -10.24 -2.17 -16.15
N LYS H 128 -10.27 -1.10 -16.94
CA LYS H 128 -9.05 -0.37 -17.31
C LYS H 128 -8.81 0.83 -16.45
N GLU H 129 -7.53 1.18 -16.29
CA GLU H 129 -7.14 2.46 -15.68
C GLU H 129 -6.98 3.50 -16.78
N GLN H 130 -7.70 4.61 -16.69
CA GLN H 130 -7.60 5.68 -17.69
C GLN H 130 -6.82 6.85 -17.12
N SER H 131 -5.87 7.36 -17.89
CA SER H 131 -5.06 8.48 -17.41
C SER H 131 -4.82 9.52 -18.49
N GLN H 132 -4.46 10.72 -18.06
CA GLN H 132 -4.06 11.78 -18.97
C GLN H 132 -2.75 12.32 -18.44
N VAL H 133 -1.77 12.42 -19.32
CA VAL H 133 -0.42 12.75 -18.89
C VAL H 133 0.04 13.96 -19.69
N GLU H 134 0.34 15.05 -18.99
CA GLU H 134 0.76 16.26 -19.67
C GLU H 134 2.27 16.44 -19.56
N ASP H 135 2.94 16.59 -20.69
CA ASP H 135 4.37 16.86 -20.70
C ASP H 135 4.55 18.35 -20.51
N VAL H 136 5.05 18.75 -19.35
CA VAL H 136 5.18 20.17 -19.05
C VAL H 136 6.62 20.66 -19.15
N THR H 137 7.43 19.92 -19.88
CA THR H 137 8.82 20.31 -20.09
C THR H 137 8.86 21.62 -20.86
N PRO H 138 9.52 22.66 -20.31
CA PRO H 138 9.60 23.94 -21.01
C PRO H 138 10.40 23.79 -22.29
N ASP H 139 10.16 24.66 -23.26
CA ASP H 139 10.87 24.60 -24.54
C ASP H 139 11.95 25.67 -24.63
N ARG I 8 6.39 -34.10 3.68
CA ARG I 8 7.48 -34.02 2.72
C ARG I 8 6.94 -33.99 1.31
N PHE I 9 6.45 -32.82 0.89
CA PHE I 9 5.84 -32.67 -0.43
C PHE I 9 6.76 -33.11 -1.57
N TRP I 10 8.07 -33.01 -1.35
CA TRP I 10 9.03 -33.46 -2.36
C TRP I 10 9.08 -34.98 -2.48
N GLU I 11 8.41 -35.68 -1.57
CA GLU I 11 8.37 -37.14 -1.64
C GLU I 11 7.03 -37.68 -2.14
N ALA I 12 6.04 -36.81 -2.25
CA ALA I 12 4.72 -37.23 -2.67
C ALA I 12 4.75 -37.76 -4.11
N ARG I 13 4.06 -38.88 -4.35
CA ARG I 13 4.02 -39.48 -5.67
C ARG I 13 2.71 -40.22 -5.86
N SER I 14 2.17 -40.15 -7.09
CA SER I 14 0.90 -40.80 -7.42
C SER I 14 1.04 -42.32 -7.39
N SER I 15 -0.10 -43.01 -7.42
CA SER I 15 -0.15 -44.47 -7.45
C SER I 15 0.39 -45.04 -8.76
N HIS I 16 0.68 -44.16 -9.71
CA HIS I 16 1.17 -44.58 -11.02
C HIS I 16 2.68 -44.80 -11.08
N GLY I 17 3.35 -44.64 -9.94
CA GLY I 17 4.74 -45.04 -9.83
C GLY I 17 5.75 -44.10 -10.44
N ARG I 18 6.90 -44.69 -10.79
CA ARG I 18 8.03 -43.91 -11.26
C ARG I 18 8.00 -43.75 -12.77
N ASN I 19 8.14 -42.50 -13.23
CA ASN I 19 8.34 -42.24 -14.65
C ASN I 19 7.27 -42.91 -15.53
N PRO I 20 5.99 -42.77 -15.16
CA PRO I 20 4.92 -43.45 -15.91
C PRO I 20 4.80 -43.03 -17.37
N LYS I 21 4.50 -44.00 -18.21
CA LYS I 21 4.19 -43.76 -19.60
C LYS I 21 2.69 -43.93 -19.78
N PHE I 22 1.97 -42.83 -19.82
CA PHE I 22 0.51 -42.88 -19.88
C PHE I 22 0.01 -43.22 -21.28
N GLU I 23 -0.92 -44.18 -21.37
CA GLU I 23 -1.43 -44.64 -22.66
C GLU I 23 -2.93 -44.38 -22.84
N SER I 24 -3.56 -43.73 -21.86
CA SER I 24 -4.97 -43.42 -22.01
C SER I 24 -5.35 -42.12 -21.29
N PRO I 25 -6.38 -41.41 -21.78
CA PRO I 25 -6.82 -40.19 -21.10
C PRO I 25 -7.36 -40.52 -19.71
N GLU I 26 -8.03 -41.66 -19.55
CA GLU I 26 -8.57 -42.00 -18.24
C GLU I 26 -7.46 -42.18 -17.21
N ALA I 27 -6.36 -42.81 -17.61
CA ALA I 27 -5.24 -43.02 -16.70
C ALA I 27 -4.61 -41.70 -16.33
N LEU I 28 -4.38 -40.84 -17.33
CA LEU I 28 -3.77 -39.54 -17.03
C LEU I 28 -4.69 -38.71 -16.13
N TRP I 29 -5.98 -38.66 -16.44
CA TRP I 29 -6.92 -37.88 -15.63
C TRP I 29 -7.00 -38.41 -14.21
N ALA I 30 -6.95 -39.73 -14.06
CA ALA I 30 -6.92 -40.34 -12.73
C ALA I 30 -5.71 -39.86 -11.95
N ALA I 31 -4.55 -39.84 -12.59
CA ALA I 31 -3.32 -39.37 -11.94
C ALA I 31 -3.42 -37.89 -11.53
N CYS I 32 -3.96 -37.07 -12.42
CA CYS I 32 -4.19 -35.67 -12.11
C CYS I 32 -5.11 -35.48 -10.91
N CYS I 33 -6.17 -36.26 -10.84
CA CYS I 33 -7.08 -36.20 -9.70
C CYS I 33 -6.41 -36.59 -8.37
N GLU I 34 -5.51 -37.57 -8.40
CA GLU I 34 -4.74 -37.90 -7.21
C GLU I 34 -3.96 -36.67 -6.73
N TYR I 35 -3.41 -35.92 -7.68
CA TYR I 35 -2.69 -34.70 -7.31
C TYR I 35 -3.64 -33.67 -6.70
N PHE I 36 -4.80 -33.47 -7.33
CA PHE I 36 -5.76 -32.49 -6.80
C PHE I 36 -6.14 -32.88 -5.38
N GLU I 37 -6.44 -34.15 -5.17
CA GLU I 37 -6.78 -34.66 -3.85
C GLU I 37 -5.65 -34.47 -2.84
N TRP I 38 -4.42 -34.76 -3.25
CA TRP I 38 -3.26 -34.52 -2.40
C TRP I 38 -3.15 -33.05 -1.95
N VAL I 39 -3.28 -32.14 -2.90
CA VAL I 39 -3.19 -30.72 -2.57
C VAL I 39 -4.21 -30.34 -1.50
N GLU I 40 -5.45 -30.79 -1.68
CA GLU I 40 -6.49 -30.50 -0.71
C GLU I 40 -6.20 -31.14 0.65
N ALA I 41 -5.60 -32.33 0.66
CA ALA I 41 -5.28 -32.97 1.92
C ALA I 41 -4.00 -32.46 2.58
N ASN I 42 -3.26 -31.59 1.87
CA ASN I 42 -1.98 -31.11 2.39
C ASN I 42 -1.82 -29.59 2.41
N PRO I 43 -2.64 -28.92 3.21
CA PRO I 43 -2.51 -27.46 3.34
C PRO I 43 -1.15 -27.10 3.95
N LEU I 44 -0.75 -25.84 3.83
CA LEU I 44 0.44 -25.35 4.52
C LEU I 44 0.01 -24.90 5.91
N TRP I 45 0.99 -24.63 6.78
CA TRP I 45 0.68 -24.30 8.15
C TRP I 45 1.33 -23.01 8.62
N GLU I 46 0.50 -22.12 9.16
CA GLU I 46 1.00 -20.91 9.81
C GLU I 46 0.90 -21.08 11.32
N MET I 47 2.02 -20.84 12.01
CA MET I 47 2.01 -20.92 13.46
C MET I 47 1.46 -19.61 14.00
N LYS I 48 0.45 -19.72 14.84
CA LYS I 48 -0.17 -18.54 15.45
C LYS I 48 0.03 -18.65 16.97
N ALA I 49 0.43 -17.56 17.61
CA ALA I 49 0.72 -17.59 19.05
C ALA I 49 -0.23 -16.75 19.89
N PHE I 50 -0.58 -17.29 21.05
CA PHE I 50 -1.46 -16.62 22.00
C PHE I 50 -0.87 -16.73 23.39
N SER I 51 -1.22 -15.80 24.27
CA SER I 51 -0.65 -15.78 25.60
C SER I 51 -1.73 -15.83 26.67
N TYR I 52 -1.44 -16.56 27.74
CA TYR I 52 -2.31 -16.55 28.90
C TYR I 52 -1.52 -16.85 30.16
N GLN I 53 -1.59 -15.92 31.12
CA GLN I 53 -0.91 -16.07 32.40
C GLN I 53 0.57 -16.32 32.23
N GLY I 54 1.21 -15.56 31.36
CA GLY I 54 2.64 -15.64 31.17
C GLY I 54 3.10 -16.93 30.50
N GLU I 55 2.16 -17.69 29.97
CA GLU I 55 2.52 -18.86 29.19
C GLU I 55 2.10 -18.64 27.76
N VAL I 56 2.83 -19.25 26.83
CA VAL I 56 2.52 -19.10 25.42
C VAL I 56 1.96 -20.36 24.79
N ILE I 57 0.89 -20.18 24.01
CA ILE I 57 0.26 -21.27 23.29
C ILE I 57 0.50 -21.08 21.80
N GLN I 58 1.07 -22.10 21.15
CA GLN I 58 1.30 -22.08 19.71
C GLN I 58 0.22 -22.93 19.04
N GLU I 59 -0.32 -22.43 17.93
CA GLU I 59 -1.39 -23.13 17.24
C GLU I 59 -1.16 -23.08 15.74
N PRO I 60 -1.06 -24.25 15.10
CA PRO I 60 -0.93 -24.26 13.63
C PRO I 60 -2.27 -24.04 12.95
N ILE I 61 -2.30 -23.13 11.99
CA ILE I 61 -3.51 -22.85 11.22
C ILE I 61 -3.31 -23.19 9.75
N ALA I 62 -4.24 -23.96 9.19
CA ALA I 62 -4.15 -24.39 7.80
C ALA I 62 -4.23 -23.21 6.82
N LYS I 63 -3.34 -23.23 5.83
CA LYS I 63 -3.38 -22.24 4.76
C LYS I 63 -3.47 -23.00 3.44
N MET I 64 -4.23 -22.44 2.51
CA MET I 64 -4.48 -23.10 1.24
C MET I 64 -3.19 -23.33 0.48
N ARG I 65 -3.00 -24.55 -0.03
CA ARG I 65 -1.87 -24.84 -0.92
C ARG I 65 -2.27 -24.61 -2.38
N ALA I 66 -1.50 -23.78 -3.10
CA ALA I 66 -1.79 -23.51 -4.49
C ALA I 66 -1.44 -24.68 -5.41
N MET I 67 -2.36 -25.01 -6.33
CA MET I 67 -2.10 -26.06 -7.32
C MET I 67 -1.17 -25.46 -8.37
N THR I 68 -0.18 -26.22 -8.80
CA THR I 68 0.71 -25.77 -9.87
C THR I 68 0.98 -26.90 -10.86
N ILE I 69 1.24 -26.54 -12.11
CA ILE I 69 1.54 -27.56 -13.11
C ILE I 69 2.85 -28.23 -12.73
N THR I 70 3.75 -27.43 -12.16
CA THR I 70 5.01 -27.98 -11.67
C THR I 70 4.83 -28.92 -10.48
N GLY I 71 3.95 -28.58 -9.55
CA GLY I 71 3.64 -29.52 -8.49
C GLY I 71 3.03 -30.80 -9.05
N LEU I 72 2.14 -30.64 -10.02
CA LEU I 72 1.45 -31.78 -10.64
C LEU I 72 2.44 -32.75 -11.30
N THR I 73 3.37 -32.20 -12.08
CA THR I 73 4.33 -33.06 -12.77
C THR I 73 5.31 -33.71 -11.80
N LEU I 74 5.67 -33.02 -10.73
CA LEU I 74 6.50 -33.65 -9.68
C LEU I 74 5.76 -34.82 -9.03
N PHE I 75 4.48 -34.61 -8.76
CA PHE I 75 3.66 -35.64 -8.12
C PHE I 75 3.47 -36.89 -8.98
N ILE I 76 3.11 -36.72 -10.26
CA ILE I 76 2.90 -37.87 -11.14
C ILE I 76 4.22 -38.34 -11.73
N ASP I 77 5.27 -37.59 -11.40
CA ASP I 77 6.66 -37.97 -11.69
C ASP I 77 7.01 -38.00 -13.17
N VAL I 78 6.62 -36.95 -13.90
CA VAL I 78 7.04 -36.81 -15.29
C VAL I 78 7.74 -35.45 -15.48
N THR I 79 8.51 -35.33 -16.56
CA THR I 79 9.22 -34.10 -16.86
C THR I 79 8.26 -33.11 -17.49
N LEU I 80 8.63 -31.83 -17.48
CA LEU I 80 7.81 -30.81 -18.12
C LEU I 80 7.67 -31.07 -19.61
N GLU I 81 8.73 -31.55 -20.25
CA GLU I 81 8.65 -31.85 -21.68
C GLU I 81 7.69 -33.00 -21.94
N THR I 82 7.70 -34.01 -21.06
CA THR I 82 6.71 -35.05 -21.18
C THR I 82 5.30 -34.43 -21.14
N TRP I 83 5.09 -33.50 -20.23
CA TRP I 83 3.78 -32.86 -20.08
C TRP I 83 3.37 -32.11 -21.35
N ARG I 84 4.32 -31.44 -21.99
CA ARG I 84 4.02 -30.68 -23.21
C ARG I 84 3.74 -31.65 -24.35
N THR I 85 4.33 -32.82 -24.24
CA THR I 85 4.13 -33.87 -25.20
C THR I 85 2.68 -34.34 -25.08
N TYR I 86 2.13 -34.31 -23.87
CA TYR I 86 0.74 -34.71 -23.68
C TYR I 86 -0.18 -33.67 -24.32
N ARG I 87 0.21 -32.40 -24.23
CA ARG I 87 -0.52 -31.30 -24.86
C ARG I 87 -0.80 -31.59 -26.31
N LEU I 88 0.19 -32.18 -26.97
CA LEU I 88 0.15 -32.33 -28.42
C LEU I 88 -0.45 -33.65 -28.84
N ARG I 89 -0.52 -34.59 -27.90
CA ARG I 89 -1.03 -35.92 -28.21
C ARG I 89 -2.54 -35.90 -28.39
N GLU I 90 -2.98 -36.35 -29.56
CA GLU I 90 -4.39 -36.31 -29.93
C GLU I 90 -5.28 -36.87 -28.83
N ASP I 91 -4.82 -37.92 -28.16
CA ASP I 91 -5.67 -38.61 -27.20
C ASP I 91 -5.59 -38.03 -25.78
N LEU I 92 -4.57 -37.22 -25.52
CA LEU I 92 -4.36 -36.67 -24.18
C LEU I 92 -4.62 -35.16 -24.07
N SER I 93 -4.68 -34.46 -25.20
CA SER I 93 -4.70 -33.00 -25.16
C SER I 93 -5.91 -32.46 -24.40
N GLU I 94 -7.05 -33.11 -24.56
CA GLU I 94 -8.26 -32.67 -23.90
C GLU I 94 -8.09 -32.78 -22.37
N VAL I 95 -7.45 -33.85 -21.92
CA VAL I 95 -7.22 -34.07 -20.50
C VAL I 95 -6.26 -33.03 -19.92
N VAL I 96 -5.23 -32.67 -20.68
CA VAL I 96 -4.29 -31.64 -20.25
C VAL I 96 -5.02 -30.31 -20.10
N THR I 97 -5.85 -29.97 -21.08
CA THR I 97 -6.63 -28.73 -21.00
C THR I 97 -7.49 -28.75 -19.74
N ARG I 98 -8.14 -29.88 -19.48
CA ARG I 98 -9.03 -29.97 -18.33
C ARG I 98 -8.26 -29.79 -17.01
N ALA I 99 -7.12 -30.48 -16.90
CA ALA I 99 -6.30 -30.41 -15.70
C ALA I 99 -5.80 -28.98 -15.48
N GLU I 100 -5.29 -28.36 -16.54
CA GLU I 100 -4.79 -26.99 -16.39
C GLU I 100 -5.88 -26.00 -16.04
N GLN I 101 -7.10 -26.24 -16.53
CA GLN I 101 -8.24 -25.38 -16.18
C GLN I 101 -8.59 -25.54 -14.71
N VAL I 102 -8.52 -26.78 -14.21
CA VAL I 102 -8.76 -26.99 -12.78
C VAL I 102 -7.74 -26.23 -11.94
N ILE I 103 -6.47 -26.35 -12.32
CA ILE I 103 -5.39 -25.69 -11.59
C ILE I 103 -5.57 -24.17 -11.61
N TYR I 104 -5.84 -23.63 -12.78
CA TYR I 104 -6.10 -22.19 -12.93
C TYR I 104 -7.24 -21.71 -12.02
N ASP I 105 -8.35 -22.43 -12.03
CA ASP I 105 -9.53 -22.01 -11.27
C ASP I 105 -9.37 -22.14 -9.76
N GLN I 106 -8.62 -23.15 -9.34
CA GLN I 106 -8.33 -23.28 -7.92
C GLN I 106 -7.55 -22.08 -7.42
N LYS I 107 -6.50 -21.71 -8.15
CA LYS I 107 -5.72 -20.53 -7.75
C LYS I 107 -6.51 -19.22 -7.86
N PHE I 108 -7.27 -19.06 -8.93
CA PHE I 108 -8.09 -17.85 -9.09
C PHE I 108 -9.09 -17.71 -7.96
N SER I 109 -9.80 -18.79 -7.66
CA SER I 109 -10.82 -18.71 -6.62
C SER I 109 -10.19 -18.44 -5.25
N GLY I 110 -9.04 -19.05 -5.01
CA GLY I 110 -8.34 -18.85 -3.76
C GLY I 110 -7.91 -17.41 -3.59
N ALA I 111 -7.35 -16.85 -4.66
CA ALA I 111 -6.87 -15.47 -4.65
C ALA I 111 -8.04 -14.51 -4.52
N ALA I 112 -9.11 -14.75 -5.27
CA ALA I 112 -10.30 -13.90 -5.19
C ALA I 112 -10.84 -13.88 -3.78
N ALA I 113 -10.75 -15.01 -3.08
CA ALA I 113 -11.24 -15.10 -1.71
C ALA I 113 -10.21 -14.62 -0.67
N ASP I 114 -9.08 -14.12 -1.16
CA ASP I 114 -7.97 -13.71 -0.30
C ASP I 114 -7.37 -14.85 0.52
N LEU I 115 -7.57 -16.08 0.06
CA LEU I 115 -7.00 -17.22 0.74
C LEU I 115 -5.61 -17.49 0.18
N LEU I 116 -5.36 -16.91 -0.99
CA LEU I 116 -4.02 -16.96 -1.59
C LEU I 116 -3.65 -15.52 -1.91
N ASN I 117 -2.35 -15.22 -1.90
CA ASN I 117 -1.88 -13.87 -2.18
C ASN I 117 -2.25 -13.43 -3.59
N ALA I 118 -3.00 -12.34 -3.71
CA ALA I 118 -3.57 -11.98 -4.99
C ALA I 118 -2.52 -11.59 -6.02
N ASN I 119 -1.48 -10.86 -5.62
CA ASN I 119 -0.55 -10.43 -6.66
C ASN I 119 0.31 -11.57 -7.19
N ILE I 120 0.76 -12.45 -6.30
CA ILE I 120 1.50 -13.62 -6.73
C ILE I 120 0.68 -14.47 -7.69
N ILE I 121 -0.58 -14.71 -7.35
CA ILE I 121 -1.43 -15.51 -8.22
C ILE I 121 -1.71 -14.76 -9.54
N ALA I 122 -1.98 -13.46 -9.48
CA ALA I 122 -2.22 -12.70 -10.72
C ALA I 122 -1.06 -12.85 -11.70
N ARG I 123 0.17 -12.77 -11.20
CA ARG I 123 1.32 -12.93 -12.07
C ARG I 123 1.36 -14.35 -12.63
N ASP I 124 1.09 -15.34 -11.77
CA ASP I 124 1.16 -16.75 -12.17
C ASP I 124 0.11 -17.07 -13.24
N LEU I 125 -1.09 -16.50 -13.09
CA LEU I 125 -2.18 -16.74 -14.04
C LEU I 125 -2.03 -15.93 -15.33
N GLY I 126 -1.16 -14.92 -15.30
CA GLY I 126 -0.97 -14.06 -16.45
C GLY I 126 -2.09 -13.06 -16.63
N LEU I 127 -2.75 -12.68 -15.54
CA LEU I 127 -3.79 -11.66 -15.59
C LEU I 127 -3.11 -10.30 -15.76
N LYS I 128 -3.56 -9.55 -16.77
CA LYS I 128 -2.86 -8.32 -17.15
C LYS I 128 -3.52 -7.06 -16.60
N GLU I 129 -2.73 -6.02 -16.42
CA GLU I 129 -3.28 -4.69 -16.16
C GLU I 129 -3.48 -3.98 -17.48
N GLN I 130 -4.70 -3.52 -17.72
CA GLN I 130 -5.01 -2.84 -18.97
C GLN I 130 -5.19 -1.36 -18.69
N SER I 131 -4.58 -0.51 -19.52
CA SER I 131 -4.70 0.93 -19.28
C SER I 131 -4.88 1.69 -20.59
N GLN I 132 -5.48 2.88 -20.47
CA GLN I 132 -5.67 3.77 -21.60
C GLN I 132 -5.05 5.12 -21.24
N VAL I 133 -4.13 5.59 -22.07
CA VAL I 133 -3.38 6.80 -21.73
C VAL I 133 -3.50 7.86 -22.83
N GLU I 134 -3.91 9.06 -22.44
CA GLU I 134 -3.95 10.18 -23.35
C GLU I 134 -2.78 11.10 -23.04
N ASP I 135 -1.95 11.37 -24.04
CA ASP I 135 -0.93 12.40 -23.91
C ASP I 135 -1.58 13.76 -24.22
N VAL I 136 -1.67 14.62 -23.21
CA VAL I 136 -2.40 15.90 -23.36
C VAL I 136 -1.50 17.11 -23.36
N THR I 137 -0.28 16.92 -23.84
CA THR I 137 0.69 17.99 -23.97
C THR I 137 0.23 19.08 -24.93
N PRO I 138 0.42 20.36 -24.54
CA PRO I 138 0.08 21.50 -25.39
C PRO I 138 0.97 21.56 -26.63
N ASP I 139 0.61 22.42 -27.58
CA ASP I 139 1.45 22.73 -28.74
C ASP I 139 0.70 23.55 -29.78
#